data_8TZB
#
_entry.id   8TZB
#
_cell.length_a   1.00
_cell.length_b   1.00
_cell.length_c   1.00
_cell.angle_alpha   90.00
_cell.angle_beta   90.00
_cell.angle_gamma   90.00
#
_symmetry.space_group_name_H-M   'P 1'
#
loop_
_entity.id
_entity.type
_entity.pdbx_description
1 polymer 'Leucine-rich repeat serine/threonine-protein kinase 2'
2 polymer 'designed ankyrin repeat proteins E11'
3 non-polymer 4-methyl-N-{4-[(4-methylpiperazin-1-yl)methyl]-3-(trifluoromethyl)phenyl}-3-[(1H-pyrazolo[3,4-b]pyridin-5-yl)ethynyl]benzamide
#
loop_
_entity_poly.entity_id
_entity_poly.type
_entity_poly.pdbx_seq_one_letter_code
_entity_poly.pdbx_strand_id
1 'polypeptide(L)'
;MASGSCQGCEEDEETLKKLIVRLNNVQEGKQIETLVQILEDLLVFTYSERASKLFQGKNIHVPLLIVLDSYMRVASVQQV
GWSLLCKLIEVCPGTMQSLMGPQDVGNDWEVLGVHQLILKMLTVHNASVNLSVIGLKTLDLLLTSGKITLLILDEESDIF
MLIFDAMHSFPANDEVQKLGCKALHVLFERVSEEQLTEFVENKDYMILLSALTNFKDEEEIVLHVLHCLHSLAIPCNNVE
VLMSGNVRCYNIVVEAMKAFPMSERIQEVSCCLLHRLTLGNFFNILVLNEVHEFVVKAVQQYPENAALQISALSCLALLT
ETIFLNQDLEEKNENQENDDEGEEDKLFWLEACYKALTWHRKNKHVQEAACWALNNLLMYQNSLHEKIGDEDGHFPAHRE
VMLSMLMHSSSKEVFQASANALSTLLEQNVNFRKILLSKGIHLNVLELMQKHIHSPEVAESGCKMLNHLFEGSNTSLDIM
AAVVPKILTVMKRHETSLPVQLEALRAILHFIVPGMPEESREDTEFHHKLNMVKKQCFKNDIHKLVLAALNRFIGNPGIQ
KCGLKVISSIVHFPDALEMLSLEGAMDSVLHTLQMYPDDQEIQCLGLSLIGYLITKKNVFIGTGHLLAKILVSSLYRFKD
VAEIQTKGFQTILAILKLSASFSKLLVHHSFDLVIFHQMSSNIMEQKDQQFLNLCCKCFAKVAMDDYLKNVMLERACDQN
NSIMVECLLLLGADANQAKEGSSLICQVCEKESSPKLVELLLNSGSREQDVRKALTISIGKGDSQIISLLLRRLALDVAN
NSICLGGFCIGKVEPSWLGPLFPDKTSNLRKQTNIASTLARMVIRYQMKSAVEEGTASGSDGNFSEDVLSKFDEWTFIPD
SSMDSVFAQSDDLDSEGSEGSFLVKKKSNSISVGEFYRDAVLQRCSPNLQRHSNSLGPIFDHEDLLKRKRKILSSDDSLR
SSKLQSHMRHSDSISSLASEREYITSLDLSANELRDIDALSQKCCISVHLEHLEKLELHQNALTSFPQQLCETLKSLTHL
DLHSNKFTSFPSYLLKMSCIANLDVSRNDIGPSVVLDPTVKCPTLKQFNLSYNQLSFVPENLTDVVEKLEQLILEGNKIS
GICSPLRLKELKILNLSKNHISSLSENFLEACPKVESFSARMNFLAAMPFLPPSMTILKLSQNKFSCIPEAILNLPHLRS
LDMSSNDIQYLPGPAHWKSLNLRELLFSHNQISILDLSEKAYLWSRVEKLHLSHNKLKEIPPEIGCLENLTSLDVSYNLE
LRSFPNEMGKLSKIWDLPLDELHLNFDFKHIGCKAKDIIRFLQQRLKKAVPYNRMKLMIVGNTGSGKTTLLQQLMKTKKS
DLGMQSATVGIDVKDWPIQIRDKRKRDLVLNVWDFAGREEFYSTHPHFMTQRALYLAVYDLSKGQAEVDAMKPWLFNIKA
RASSSPVILVGTHLDVSDEKQRKACMSKITKELLNKRGFPAIRDYHFVNATEESDALAKLRKTIINESLNFKIRDQLVVG
QLIPDCYVELEKIILSERKNVPIEFPVIDRKRLLQLVRENQLQLDENELPHAVHFLNESGVLLHFQDPALQLSDLYFVEP
KWLCKIMAQILTVKVEGCPKHPKGIISRRDVEKFLSKKRKFPKNYMSQYFKLLEKFQIALPIGEEYLLVPSSLSDHRPVI
ELPHCENSEIIIRLYEMPYFPMGFWSRLINRLLEISPYMLSGRERALRPNRMYWRQGIYLNWSPEAYCLVGSEVLDNHPE
SFLKITVPSCRKGCILLGQVVDHIDSLMEEWFPGLLEIDICGEGETLLKKWALYSFNDGEEHQKILLDDLMKKAEEGDLL
VNPDQPRLTIPISQIAPDLILADLPRNIMLNNDELEFEQAPEFLLGDGSFGSVYRAAYEGEEVAVKIFNKHTSLRLLRQE
LVVLCHLHHPSLISLLAAGIRPRMLVMELASKGSLDRLLQQDKASLTRTLQHRIALHVADGLRYLHSAMIIYRDLKPHNV
LLFTLYPNAAIIAKIADYGIAQYCCRMGIKTSEGTPGFRAPEVARGNVIYNQQADVYSFGLLLYDILTTGGRIVEGLKFP
NEFDELEIQGKLPDPVKEYGCAPWPMVEKLIKQCLKENPQERPTSAQVFDILNSAELVCLTRRILLPKNVIVECMVATHH
NSRNASIWLGCGHTDRGQLSFLDLNTEGYTSEEVADSRILCLALVHLPVEKESWIVSGTQSGTLLVINTEDGKKRHTLEK
MTDSVTCLYCNSFSKQSKQKNFLLVGTADGKLAIFEDKTVKLKGAAPLKILNIGNVSTPLMCLSESTNSTERNVMWGGCG
TKIFSFSNDFTIQKLIETRTSQLFSYAAFSDSNIITVVVDTALYIAKQNSPVVEVWDKKTEKLCGLIDCVHFLREVMVKE
NKESKHKMSYSGRVKTLCLQKNTALWIGTGGGHILLLDLSTRRLIRVIYNFCNSVRVMMTAQLGSLKNVMLVLGYNRKNT
EGTQKQKEIQSCLTVWDINLPHEVQNLEKHIEVRKELAEKMRRTSVE
;
A
2 'polypeptide(L)'
;MRGSHHHHHHHHGSDLGKKLLEAARAGQDDEVRILMANGADVNATDEAGVTPLHLAADSGHLEIVEVLLKTGADVNAWDH
YGFTPLHLAAHVGHLEIVEVLLKAGADVNAQDHAGWTPLHLAALYGHLEIVEVLLKHGADVNAQDMWGETPFDLAIDNGN
EDIAEVLQKAAKLNDYKDDDDK
;
B
#
# COMPACT_ATOMS: atom_id res chain seq x y z
N ARG A 1334 -9.93 -20.10 38.79
CA ARG A 1334 -11.15 -19.36 38.44
C ARG A 1334 -11.92 -20.06 37.34
N MET A 1335 -13.22 -19.80 37.28
CA MET A 1335 -14.09 -20.36 36.25
C MET A 1335 -15.28 -19.45 36.07
N LYS A 1336 -15.96 -19.62 34.93
CA LYS A 1336 -17.15 -18.84 34.60
C LYS A 1336 -18.37 -19.75 34.64
N LEU A 1337 -19.40 -19.32 35.38
CA LEU A 1337 -20.66 -20.02 35.48
C LEU A 1337 -21.77 -19.09 34.99
N MET A 1338 -22.67 -19.64 34.20
CA MET A 1338 -23.76 -18.87 33.61
C MET A 1338 -25.08 -19.55 33.91
N ILE A 1339 -26.09 -18.74 34.25
CA ILE A 1339 -27.44 -19.24 34.48
C ILE A 1339 -28.21 -19.14 33.17
N VAL A 1340 -28.69 -20.30 32.68
CA VAL A 1340 -29.39 -20.38 31.41
C VAL A 1340 -30.78 -20.97 31.67
N GLY A 1341 -31.67 -20.76 30.70
CA GLY A 1341 -33.02 -21.26 30.80
C GLY A 1341 -34.06 -20.17 30.69
N ASN A 1342 -35.30 -20.47 31.09
CA ASN A 1342 -36.39 -19.51 31.01
C ASN A 1342 -36.22 -18.41 32.05
N SER A 1345 -38.44 -20.05 36.45
CA SER A 1345 -37.51 -18.98 36.09
C SER A 1345 -37.14 -18.15 37.31
N GLY A 1346 -36.45 -18.77 38.26
CA GLY A 1346 -36.03 -18.06 39.45
C GLY A 1346 -35.06 -16.93 39.17
N LYS A 1347 -34.18 -17.12 38.19
CA LYS A 1347 -33.18 -16.13 37.78
C LYS A 1347 -32.27 -15.88 38.98
N THR A 1348 -32.21 -14.67 39.53
CA THR A 1348 -31.32 -14.40 40.66
C THR A 1348 -31.80 -15.06 41.95
N THR A 1349 -33.06 -15.52 42.00
CA THR A 1349 -33.56 -16.17 43.20
C THR A 1349 -32.79 -17.46 43.48
N LEU A 1350 -32.54 -18.25 42.45
CA LEU A 1350 -31.81 -19.51 42.59
C LEU A 1350 -30.30 -19.34 42.49
N LEU A 1351 -29.83 -18.15 42.13
CA LEU A 1351 -28.38 -17.92 42.02
C LEU A 1351 -27.72 -17.88 43.40
N GLN A 1352 -28.47 -17.50 44.44
CA GLN A 1352 -27.89 -17.40 45.77
C GLN A 1352 -27.47 -18.74 46.34
N GLN A 1353 -28.03 -19.84 45.84
CA GLN A 1353 -27.68 -21.16 46.34
C GLN A 1353 -26.26 -21.55 45.95
N ASP A 1372 -25.74 -8.58 34.25
CA ASP A 1372 -25.58 -8.87 35.67
C ASP A 1372 -24.45 -9.88 35.89
N VAL A 1373 -23.43 -9.46 36.63
CA VAL A 1373 -22.26 -10.28 36.92
C VAL A 1373 -21.95 -10.18 38.40
N LYS A 1374 -21.54 -11.30 38.99
CA LYS A 1374 -21.16 -11.34 40.40
C LYS A 1374 -20.08 -12.39 40.58
N ASP A 1375 -19.55 -12.47 41.81
CA ASP A 1375 -18.55 -13.45 42.16
C ASP A 1375 -19.05 -14.32 43.30
N TRP A 1376 -18.79 -15.62 43.21
CA TRP A 1376 -19.27 -16.55 44.23
C TRP A 1376 -18.35 -17.76 44.32
N PRO A 1377 -17.91 -18.13 45.52
CA PRO A 1377 -17.09 -19.34 45.65
C PRO A 1377 -17.97 -20.57 45.85
N ILE A 1378 -17.56 -21.66 45.21
CA ILE A 1378 -18.31 -22.91 45.31
C ILE A 1378 -17.35 -24.07 45.54
N LEU A 1388 -12.07 -22.80 45.48
CA LEU A 1388 -12.56 -22.50 44.14
C LEU A 1388 -13.51 -21.32 44.16
N VAL A 1389 -13.24 -20.33 43.31
CA VAL A 1389 -14.06 -19.13 43.18
C VAL A 1389 -14.48 -18.99 41.74
N LEU A 1390 -15.76 -18.69 41.51
CA LEU A 1390 -16.31 -18.59 40.17
C LEU A 1390 -16.94 -17.22 39.95
N ASN A 1391 -17.11 -16.87 38.68
CA ASN A 1391 -17.78 -15.65 38.27
C ASN A 1391 -19.12 -16.04 37.67
N VAL A 1392 -20.21 -15.57 38.27
CA VAL A 1392 -21.57 -15.97 37.91
C VAL A 1392 -22.20 -14.87 37.07
N TRP A 1393 -22.81 -15.26 35.96
CA TRP A 1393 -23.55 -14.34 35.10
C TRP A 1393 -24.98 -14.87 34.94
N ASP A 1394 -25.95 -14.05 35.32
CA ASP A 1394 -27.35 -14.44 35.28
C ASP A 1394 -27.99 -13.87 34.02
N PHE A 1395 -28.20 -14.73 33.02
CA PHE A 1395 -28.84 -14.32 31.78
C PHE A 1395 -29.35 -15.54 31.01
N LEU A 1414 -19.90 -24.75 35.24
CA LEU A 1414 -20.60 -25.05 34.00
C LEU A 1414 -21.76 -24.10 33.79
N TYR A 1415 -22.79 -24.57 33.08
CA TYR A 1415 -23.98 -23.78 32.80
C TYR A 1415 -25.18 -24.43 33.48
N LEU A 1416 -25.97 -23.62 34.17
CA LEU A 1416 -27.10 -24.10 34.95
C LEU A 1416 -28.39 -23.83 34.19
N ALA A 1417 -29.16 -24.89 33.93
CA ALA A 1417 -30.41 -24.79 33.19
C ALA A 1417 -31.57 -24.91 34.18
N VAL A 1418 -32.31 -23.82 34.35
CA VAL A 1418 -33.45 -23.78 35.27
C VAL A 1418 -34.71 -24.05 34.47
N TYR A 1419 -35.45 -25.09 34.86
CA TYR A 1419 -36.68 -25.46 34.17
C TYR A 1419 -37.82 -24.54 34.55
N VAL A 1428 -39.60 -24.57 28.27
CA VAL A 1428 -39.22 -25.95 28.00
C VAL A 1428 -38.59 -26.05 26.61
N ASP A 1429 -38.66 -24.96 25.85
CA ASP A 1429 -38.10 -24.91 24.50
C ASP A 1429 -36.89 -23.98 24.39
N ALA A 1430 -36.67 -23.10 25.36
CA ALA A 1430 -35.56 -22.18 25.29
C ALA A 1430 -34.21 -22.85 25.53
N MET A 1431 -34.20 -24.10 26.01
CA MET A 1431 -32.94 -24.80 26.23
C MET A 1431 -32.31 -25.30 24.93
N LYS A 1432 -33.11 -25.59 23.91
CA LYS A 1432 -32.54 -26.03 22.64
C LYS A 1432 -31.66 -24.97 21.99
N PRO A 1433 -32.08 -23.71 21.87
CA PRO A 1433 -31.14 -22.69 21.35
C PRO A 1433 -29.89 -22.54 22.20
N TRP A 1434 -29.99 -22.77 23.50
CA TRP A 1434 -28.83 -22.69 24.37
C TRP A 1434 -27.79 -23.76 24.06
N LEU A 1435 -28.19 -24.84 23.40
CA LEU A 1435 -27.27 -25.92 23.05
C LEU A 1435 -27.17 -26.07 21.54
N SER A 1445 -19.76 -26.27 29.06
CA SER A 1445 -20.80 -26.16 28.04
C SER A 1445 -22.03 -26.97 28.43
N PRO A 1446 -21.84 -27.96 29.29
CA PRO A 1446 -22.98 -28.80 29.72
C PRO A 1446 -24.01 -27.99 30.48
N VAL A 1447 -25.26 -28.44 30.40
CA VAL A 1447 -26.38 -27.79 31.06
C VAL A 1447 -26.93 -28.75 32.11
N ILE A 1448 -27.18 -28.23 33.31
CA ILE A 1448 -27.73 -29.02 34.41
C ILE A 1448 -29.17 -28.58 34.63
N LEU A 1449 -30.08 -29.55 34.59
CA LEU A 1449 -31.50 -29.25 34.75
C LEU A 1449 -31.85 -29.14 36.23
N VAL A 1450 -32.52 -28.06 36.60
CA VAL A 1450 -32.93 -27.80 37.98
C VAL A 1450 -34.36 -27.30 37.97
N GLY A 1451 -35.17 -27.80 38.91
CA GLY A 1451 -36.54 -27.36 39.01
C GLY A 1451 -36.65 -25.91 39.46
N THR A 1452 -37.71 -25.25 38.98
CA THR A 1452 -37.93 -23.83 39.28
C THR A 1452 -38.68 -23.71 40.60
N HIS A 1453 -37.98 -24.05 41.67
CA HIS A 1453 -38.49 -24.05 43.05
C HIS A 1453 -39.91 -24.60 43.10
N LEU A 1454 -40.02 -25.88 42.73
CA LEU A 1454 -41.33 -26.53 42.60
C LEU A 1454 -41.95 -26.79 43.98
N ASP A 1455 -42.29 -25.73 44.69
CA ASP A 1455 -42.96 -25.82 45.98
C ASP A 1455 -44.38 -25.29 45.94
N VAL A 1456 -44.96 -25.18 44.74
CA VAL A 1456 -46.32 -24.69 44.58
C VAL A 1456 -47.32 -25.70 45.13
N GLU A 1459 -44.83 -32.66 43.15
CA GLU A 1459 -44.61 -34.09 43.32
C GLU A 1459 -44.69 -34.81 41.97
N LYS A 1460 -45.83 -35.45 41.71
CA LYS A 1460 -46.01 -36.16 40.45
C LYS A 1460 -45.99 -35.21 39.26
N GLN A 1461 -46.56 -34.01 39.44
CA GLN A 1461 -46.54 -33.03 38.38
C GLN A 1461 -45.11 -32.60 38.04
N ARG A 1462 -44.27 -32.45 39.06
CA ARG A 1462 -42.87 -32.10 38.83
C ARG A 1462 -42.16 -33.21 38.05
N LYS A 1463 -42.42 -34.46 38.41
CA LYS A 1463 -41.80 -35.57 37.69
C LYS A 1463 -42.26 -35.61 36.23
N ALA A 1464 -43.56 -35.38 35.99
CA ALA A 1464 -44.07 -35.37 34.63
C ALA A 1464 -43.45 -34.24 33.82
N CYS A 1465 -43.33 -33.05 34.42
CA CYS A 1465 -42.74 -31.91 33.73
C CYS A 1465 -41.27 -32.18 33.41
N MET A 1466 -40.54 -32.79 34.34
CA MET A 1466 -39.14 -33.13 34.08
C MET A 1466 -39.02 -34.16 32.97
N SER A 1467 -39.85 -35.19 33.00
CA SER A 1467 -39.78 -36.24 31.98
C SER A 1467 -40.28 -35.77 30.62
N LYS A 1468 -41.04 -34.67 30.58
CA LYS A 1468 -41.51 -34.16 29.29
C LYS A 1468 -40.35 -33.76 28.40
N ILE A 1469 -39.29 -33.22 28.98
CA ILE A 1469 -38.12 -32.78 28.21
C ILE A 1469 -36.95 -33.74 28.36
N THR A 1470 -36.71 -34.23 29.59
CA THR A 1470 -35.57 -35.12 29.82
C THR A 1470 -35.72 -36.44 29.08
N LYS A 1471 -36.91 -37.04 29.13
CA LYS A 1471 -37.14 -38.32 28.49
C LYS A 1471 -37.47 -38.14 27.01
N ILE A 1482 -28.53 -31.80 28.52
CA ILE A 1482 -28.80 -31.97 29.94
C ILE A 1482 -27.86 -33.01 30.53
N ARG A 1483 -27.40 -32.76 31.75
CA ARG A 1483 -26.50 -33.67 32.46
C ARG A 1483 -27.17 -34.40 33.61
N ASP A 1484 -27.97 -33.71 34.41
CA ASP A 1484 -28.67 -34.32 35.53
C ASP A 1484 -29.83 -33.42 35.93
N TYR A 1485 -30.71 -33.96 36.78
CA TYR A 1485 -31.88 -33.25 37.26
C TYR A 1485 -31.88 -33.22 38.79
N HIS A 1486 -32.23 -32.07 39.35
CA HIS A 1486 -32.32 -31.90 40.79
C HIS A 1486 -33.62 -31.20 41.13
N PHE A 1487 -34.25 -31.64 42.22
CA PHE A 1487 -35.53 -31.08 42.67
C PHE A 1487 -35.27 -30.07 43.78
N VAL A 1488 -34.79 -28.89 43.39
CA VAL A 1488 -34.56 -27.80 44.35
C VAL A 1488 -35.88 -27.05 44.43
N ASN A 1489 -36.77 -27.55 45.26
CA ASN A 1489 -38.15 -27.07 45.32
C ASN A 1489 -38.36 -26.07 46.46
N ALA A 1490 -37.60 -24.98 46.41
CA ALA A 1490 -37.75 -23.92 47.39
C ALA A 1490 -37.03 -22.66 46.90
N THR A 1491 -37.59 -21.51 47.24
CA THR A 1491 -36.93 -20.25 46.94
C THR A 1491 -35.76 -19.98 47.89
N GLU A 1492 -35.73 -20.65 49.04
CA GLU A 1492 -34.64 -20.50 49.99
C GLU A 1492 -34.65 -21.71 50.92
N GLU A 1493 -33.45 -22.11 51.36
CA GLU A 1493 -33.28 -23.21 52.30
C GLU A 1493 -33.92 -24.50 51.78
N SER A 1494 -33.60 -24.84 50.54
CA SER A 1494 -34.16 -26.05 49.94
C SER A 1494 -33.48 -27.30 50.50
N ASP A 1495 -34.22 -28.41 50.46
CA ASP A 1495 -33.66 -29.68 50.92
C ASP A 1495 -32.60 -30.20 49.96
N ALA A 1496 -32.79 -30.01 48.67
CA ALA A 1496 -31.87 -30.49 47.64
C ALA A 1496 -30.89 -29.42 47.20
N LEU A 1497 -30.87 -28.26 47.87
CA LEU A 1497 -29.90 -27.23 47.51
C LEU A 1497 -28.47 -27.71 47.72
N ALA A 1498 -28.23 -28.44 48.83
CA ALA A 1498 -26.90 -29.00 49.05
C ALA A 1498 -26.54 -30.02 47.97
N LYS A 1499 -27.52 -30.83 47.56
CA LYS A 1499 -27.27 -31.77 46.48
C LYS A 1499 -26.94 -31.05 45.18
N LEU A 1500 -27.65 -29.98 44.87
CA LEU A 1500 -27.35 -29.21 43.67
C LEU A 1500 -25.97 -28.58 43.74
N ARG A 1501 -25.60 -28.06 44.91
CA ARG A 1501 -24.27 -27.49 45.07
C ARG A 1501 -23.19 -28.55 44.89
N LYS A 1502 -23.39 -29.73 45.46
CA LYS A 1502 -22.43 -30.81 45.28
C LYS A 1502 -22.32 -31.22 43.82
N THR A 1503 -23.45 -31.31 43.12
CA THR A 1503 -23.42 -31.67 41.70
C THR A 1503 -22.69 -30.60 40.88
N ILE A 1504 -22.94 -29.32 41.18
CA ILE A 1504 -22.27 -28.25 40.46
C ILE A 1504 -20.78 -28.28 40.72
N ILE A 1505 -20.37 -28.54 41.97
CA ILE A 1505 -18.96 -28.62 42.29
C ILE A 1505 -18.30 -29.78 41.56
N ASN A 1506 -18.98 -30.94 41.53
CA ASN A 1506 -18.43 -32.09 40.83
C ASN A 1506 -18.30 -31.83 39.34
N GLU A 1507 -19.31 -31.18 38.74
CA GLU A 1507 -19.25 -30.87 37.32
C GLU A 1507 -18.14 -29.87 37.01
N SER A 1508 -18.01 -28.83 37.83
CA SER A 1508 -16.98 -27.81 37.58
C SER A 1508 -15.58 -28.38 37.76
N LEU A 1509 -15.39 -29.21 38.79
CA LEU A 1509 -14.08 -29.83 39.01
C LEU A 1509 -13.70 -30.74 37.86
N ASN A 1510 -14.67 -31.51 37.35
CA ASN A 1510 -14.42 -32.42 36.24
C ASN A 1510 -14.59 -31.71 34.90
N VAL A 1528 -1.27 -17.92 29.80
CA VAL A 1528 -1.50 -16.51 30.08
C VAL A 1528 -1.65 -16.30 31.58
N GLU A 1529 -0.96 -17.12 32.37
CA GLU A 1529 -1.02 -16.98 33.82
C GLU A 1529 -0.48 -15.62 34.26
N LEU A 1530 0.60 -15.16 33.62
CA LEU A 1530 1.13 -13.84 33.93
C LEU A 1530 0.11 -12.76 33.59
N GLU A 1531 -0.58 -12.89 32.45
CA GLU A 1531 -1.61 -11.94 32.09
C GLU A 1531 -2.76 -11.99 33.09
N LYS A 1532 -3.12 -13.19 33.56
CA LYS A 1532 -4.17 -13.30 34.56
C LYS A 1532 -3.77 -12.60 35.85
N ILE A 1533 -2.51 -12.74 36.27
CA ILE A 1533 -2.03 -12.06 37.47
C ILE A 1533 -2.06 -10.55 37.26
N ILE A 1534 -1.63 -10.08 36.09
CA ILE A 1534 -1.60 -8.65 35.81
C ILE A 1534 -2.97 -8.05 35.60
N LEU A 1535 -3.99 -8.87 35.34
CA LEU A 1535 -5.32 -8.33 35.09
C LEU A 1535 -5.89 -7.62 36.31
N SER A 1536 -5.50 -8.04 37.51
CA SER A 1536 -6.00 -7.37 38.72
C SER A 1536 -5.56 -5.91 38.75
N GLU A 1537 -4.32 -5.63 38.39
CA GLU A 1537 -3.88 -4.25 38.26
C GLU A 1537 -4.44 -3.60 37.00
N ARG A 1538 -4.69 -4.40 35.95
CA ARG A 1538 -5.24 -3.87 34.72
C ARG A 1538 -6.64 -3.31 34.93
N LYS A 1539 -7.47 -4.00 35.72
CA LYS A 1539 -8.84 -3.58 35.97
C LYS A 1539 -8.87 -2.55 37.10
N ASN A 1540 -8.28 -1.39 36.80
CA ASN A 1540 -8.26 -0.26 37.73
C ASN A 1540 -8.52 1.04 36.98
N VAL A 1541 -9.45 1.00 36.03
CA VAL A 1541 -9.81 2.17 35.24
C VAL A 1541 -11.10 2.74 35.80
N PRO A 1542 -11.11 3.96 36.35
CA PRO A 1542 -12.36 4.53 36.88
C PRO A 1542 -13.46 4.65 35.84
N ILE A 1543 -13.10 4.91 34.59
CA ILE A 1543 -14.09 5.01 33.51
C ILE A 1543 -13.89 3.89 32.51
N ASP A 1549 -4.93 1.22 26.17
CA ASP A 1549 -3.88 2.02 25.55
C ASP A 1549 -2.66 2.13 26.47
N ARG A 1550 -2.79 2.93 27.52
CA ARG A 1550 -1.70 3.10 28.48
C ARG A 1550 -1.51 1.88 29.37
N LYS A 1551 -2.43 0.91 29.33
CA LYS A 1551 -2.31 -0.28 30.17
C LYS A 1551 -1.00 -1.02 29.88
N ARG A 1552 -0.57 -1.02 28.61
CA ARG A 1552 0.69 -1.65 28.26
C ARG A 1552 1.84 -1.06 29.07
N LEU A 1553 1.82 0.26 29.30
CA LEU A 1553 2.82 0.87 30.15
C LEU A 1553 2.78 0.29 31.55
N LEU A 1554 1.58 0.11 32.11
CA LEU A 1554 1.45 -0.56 33.39
C LEU A 1554 1.93 -2.00 33.32
N GLN A 1555 1.85 -2.61 32.14
CA GLN A 1555 2.39 -3.96 31.95
C GLN A 1555 3.91 -3.94 31.83
N LEU A 1556 4.52 -2.80 31.57
CA LEU A 1556 5.97 -2.70 31.43
C LEU A 1556 6.64 -2.11 32.66
N VAL A 1557 5.94 -1.28 33.42
CA VAL A 1557 6.54 -0.70 34.62
C VAL A 1557 6.71 -1.76 35.70
N ARG A 1558 5.70 -2.62 35.89
CA ARG A 1558 5.68 -3.57 36.99
C ARG A 1558 5.78 -5.02 36.51
N GLU A 1559 6.43 -5.26 35.38
CA GLU A 1559 6.62 -6.62 34.89
C GLU A 1559 7.81 -6.67 33.95
N ASN A 1560 8.42 -7.84 33.86
CA ASN A 1560 9.57 -8.09 32.99
C ASN A 1560 9.27 -9.05 31.85
N GLN A 1561 8.53 -10.12 32.13
CA GLN A 1561 8.16 -11.06 31.07
C GLN A 1561 7.23 -10.41 30.05
N LEU A 1562 6.41 -9.46 30.49
CA LEU A 1562 5.50 -8.76 29.57
C LEU A 1562 6.23 -8.05 28.45
N GLN A 1563 7.57 -7.96 28.52
CA GLN A 1563 8.37 -7.45 27.42
C GLN A 1563 8.23 -8.30 26.16
N LEU A 1564 7.54 -9.44 26.23
CA LEU A 1564 7.19 -10.15 25.02
C LEU A 1564 6.30 -9.30 24.11
N ASP A 1565 5.45 -8.47 24.72
CA ASP A 1565 4.66 -7.45 24.02
C ASP A 1565 3.94 -7.99 22.79
N GLU A 1566 4.66 -8.09 21.67
CA GLU A 1566 4.06 -8.60 20.44
C GLU A 1566 3.64 -10.05 20.59
N ASN A 1567 4.45 -10.85 21.28
CA ASN A 1567 4.16 -12.28 21.46
C ASN A 1567 3.29 -12.56 22.67
N GLU A 1568 3.02 -11.56 23.51
CA GLU A 1568 2.24 -11.77 24.73
C GLU A 1568 0.84 -11.18 24.67
N LEU A 1569 0.57 -10.27 23.75
CA LEU A 1569 -0.75 -9.64 23.70
C LEU A 1569 -1.41 -9.90 22.34
N PRO A 1570 -1.40 -11.14 21.86
CA PRO A 1570 -2.07 -11.44 20.59
C PRO A 1570 -3.58 -11.62 20.79
N HIS A 1571 -3.96 -12.10 21.96
CA HIS A 1571 -5.37 -12.31 22.30
C HIS A 1571 -5.75 -11.82 23.68
N ALA A 1572 -4.80 -11.60 24.58
CA ALA A 1572 -5.11 -11.17 25.95
C ALA A 1572 -5.68 -9.75 25.97
N LEU A 1576 -8.31 -10.76 28.51
CA LEU A 1576 -9.22 -9.90 29.26
C LEU A 1576 -10.66 -10.15 28.86
N ASN A 1577 -10.89 -10.34 27.56
CA ASN A 1577 -12.23 -10.65 27.08
C ASN A 1577 -12.70 -12.02 27.53
N GLU A 1578 -11.78 -12.91 27.91
CA GLU A 1578 -12.15 -14.23 28.41
C GLU A 1578 -12.58 -14.21 29.86
N SER A 1579 -12.34 -13.12 30.57
CA SER A 1579 -12.76 -12.97 31.96
C SER A 1579 -13.92 -12.01 32.13
N GLY A 1580 -14.39 -11.38 31.06
CA GLY A 1580 -15.48 -10.44 31.17
C GLY A 1580 -15.11 -9.09 31.73
N VAL A 1581 -13.81 -8.77 31.80
CA VAL A 1581 -13.33 -7.51 32.35
C VAL A 1581 -12.36 -6.88 31.36
N LEU A 1582 -12.49 -5.57 31.17
CA LEU A 1582 -11.64 -4.80 30.26
C LEU A 1582 -11.71 -5.37 28.84
N LEU A 1583 -12.91 -5.33 28.28
CA LEU A 1583 -13.15 -5.86 26.94
C LEU A 1583 -12.41 -5.03 25.90
N HIS A 1584 -11.79 -5.71 24.94
CA HIS A 1584 -11.08 -5.03 23.86
C HIS A 1584 -11.02 -5.91 22.61
N ALA A 1589 -14.54 -7.29 12.66
CA ALA A 1589 -13.45 -6.33 12.73
C ALA A 1589 -13.89 -5.05 13.43
N LEU A 1590 -13.56 -4.93 14.71
CA LEU A 1590 -13.92 -3.76 15.51
C LEU A 1590 -12.73 -2.80 15.53
N GLN A 1591 -12.89 -1.65 14.88
CA GLN A 1591 -11.81 -0.66 14.84
C GLN A 1591 -11.54 -0.09 16.23
N LEU A 1592 -12.59 0.14 17.02
CA LEU A 1592 -12.44 0.70 18.37
C LEU A 1592 -12.18 -0.40 19.39
N SER A 1593 -11.11 -1.15 19.14
CA SER A 1593 -10.69 -2.23 20.04
C SER A 1593 -9.22 -2.20 20.40
N ASP A 1594 -8.36 -1.60 19.58
CA ASP A 1594 -6.92 -1.59 19.88
C ASP A 1594 -6.62 -0.68 21.07
N LEU A 1595 -7.18 0.53 21.07
CA LEU A 1595 -6.90 1.52 22.10
C LEU A 1595 -8.10 1.77 23.00
N TYR A 1596 -9.04 0.83 23.07
CA TYR A 1596 -10.24 0.97 23.88
C TYR A 1596 -10.30 -0.16 24.90
N PHE A 1597 -10.66 0.18 26.13
CA PHE A 1597 -10.77 -0.80 27.20
C PHE A 1597 -11.75 -0.34 28.27
N TRP A 1602 -21.25 -0.55 32.34
CA TRP A 1602 -20.41 -0.17 31.21
C TRP A 1602 -19.99 -1.41 30.45
N LEU A 1603 -19.54 -2.44 31.18
CA LEU A 1603 -19.07 -3.66 30.55
C LEU A 1603 -20.18 -4.33 29.74
N CYS A 1604 -21.24 -4.77 30.43
CA CYS A 1604 -22.37 -5.43 29.78
C CYS A 1604 -23.73 -4.91 30.24
N LYS A 1605 -23.82 -4.28 31.41
CA LYS A 1605 -25.11 -3.77 31.88
C LYS A 1605 -25.62 -2.64 30.99
N ILE A 1606 -24.72 -1.79 30.51
CA ILE A 1606 -25.13 -0.68 29.65
C ILE A 1606 -25.55 -1.15 28.26
N MET A 1607 -25.16 -2.35 27.87
CA MET A 1607 -25.53 -2.88 26.56
C MET A 1607 -26.91 -3.52 26.61
N GLN A 1609 -28.63 -1.26 28.87
CA GLN A 1609 -29.38 -0.14 29.43
C GLN A 1609 -30.25 0.53 28.36
N ILE A 1610 -29.76 0.52 27.13
CA ILE A 1610 -30.49 1.13 26.02
C ILE A 1610 -31.83 0.46 25.80
N LEU A 1611 -31.97 -0.80 26.22
CA LEU A 1611 -33.25 -1.50 26.10
C LEU A 1611 -34.26 -1.01 27.12
N THR A 1612 -33.81 -0.40 28.22
CA THR A 1612 -34.76 0.12 29.20
C THR A 1612 -35.57 1.28 28.63
N VAL A 1613 -34.94 2.14 27.85
CA VAL A 1613 -35.62 3.28 27.25
C VAL A 1613 -35.37 3.31 25.75
N PRO A 1642 -17.79 10.10 27.86
CA PRO A 1642 -16.78 10.59 26.91
C PRO A 1642 -17.15 10.32 25.46
N LYS A 1643 -16.67 11.17 24.55
CA LYS A 1643 -16.96 10.98 23.13
C LYS A 1643 -16.40 9.66 22.63
N ASN A 1644 -15.15 9.33 23.02
CA ASN A 1644 -14.59 8.04 22.66
C ASN A 1644 -15.39 6.90 23.27
N TYR A 1645 -15.83 7.07 24.52
CA TYR A 1645 -16.66 6.05 25.16
C TYR A 1645 -17.99 5.88 24.44
N MET A 1646 -18.61 6.99 24.03
CA MET A 1646 -19.88 6.91 23.31
C MET A 1646 -19.70 6.23 21.95
N SER A 1647 -18.62 6.56 21.24
CA SER A 1647 -18.37 5.93 19.96
C SER A 1647 -18.12 4.43 20.13
N GLN A 1648 -17.36 4.05 21.15
CA GLN A 1648 -17.14 2.63 21.42
C GLN A 1648 -18.44 1.93 21.77
N TYR A 1649 -19.29 2.59 22.55
CA TYR A 1649 -20.59 1.99 22.89
C TYR A 1649 -21.45 1.79 21.65
N PHE A 1650 -21.47 2.78 20.75
CA PHE A 1650 -22.24 2.64 19.51
C PHE A 1650 -21.69 1.50 18.66
N LYS A 1651 -20.36 1.41 18.54
CA LYS A 1651 -19.77 0.33 17.76
C LYS A 1651 -20.08 -1.03 18.36
N LEU A 1652 -20.00 -1.15 19.69
CA LEU A 1652 -20.31 -2.42 20.34
C LEU A 1652 -21.78 -2.78 20.20
N LEU A 1653 -22.67 -1.79 20.31
CA LEU A 1653 -24.10 -2.06 20.12
C LEU A 1653 -24.37 -2.53 18.70
N GLU A 1654 -23.69 -1.95 17.71
CA GLU A 1654 -23.81 -2.44 16.36
C GLU A 1654 -23.28 -3.87 16.25
N LYS A 1655 -22.16 -4.16 16.93
CA LYS A 1655 -21.59 -5.50 16.87
C LYS A 1655 -22.44 -6.50 17.65
N PHE A 1656 -22.96 -6.10 18.81
CA PHE A 1656 -23.76 -6.99 19.64
C PHE A 1656 -25.19 -7.17 19.13
N GLN A 1657 -25.54 -6.51 18.03
CA GLN A 1657 -26.85 -6.65 17.41
C GLN A 1657 -27.97 -6.23 18.36
N ILE A 1658 -27.68 -5.27 19.22
CA ILE A 1658 -28.71 -4.64 20.04
C ILE A 1658 -29.40 -3.51 19.29
N ALA A 1659 -28.62 -2.73 18.54
CA ALA A 1659 -29.14 -1.70 17.65
C ALA A 1659 -28.59 -1.93 16.25
N LEU A 1660 -29.36 -1.55 15.25
CA LEU A 1660 -28.96 -1.80 13.87
C LEU A 1660 -28.79 -0.49 13.12
N PRO A 1661 -27.94 -0.47 12.09
CA PRO A 1661 -27.77 0.74 11.26
C PRO A 1661 -28.74 0.76 10.08
N ILE A 1662 -30.03 0.76 10.38
CA ILE A 1662 -31.06 0.77 9.35
C ILE A 1662 -31.07 2.12 8.64
N PRO A 1670 -32.95 -0.80 16.14
CA PRO A 1670 -33.43 -1.61 17.25
C PRO A 1670 -33.70 -3.05 16.84
N SER A 1671 -33.57 -3.99 17.79
CA SER A 1671 -33.83 -5.40 17.53
C SER A 1671 -35.05 -5.93 18.29
N SER A 1672 -35.54 -5.21 19.28
CA SER A 1672 -36.71 -5.60 20.06
C SER A 1672 -37.94 -4.80 19.67
N LEU A 1673 -38.12 -4.55 18.37
CA LEU A 1673 -39.19 -3.69 17.89
C LEU A 1673 -40.56 -4.22 18.32
N SER A 1674 -40.94 -5.38 17.80
CA SER A 1674 -42.24 -5.98 18.10
C SER A 1674 -42.17 -7.47 17.84
N ASP A 1675 -43.11 -8.20 18.44
CA ASP A 1675 -43.19 -9.64 18.30
C ASP A 1675 -44.44 -10.10 17.57
N HIS A 1676 -45.24 -9.17 17.06
CA HIS A 1676 -46.47 -9.49 16.35
C HIS A 1676 -46.33 -9.07 14.89
N ARG A 1677 -46.68 -9.96 13.98
CA ARG A 1677 -46.55 -9.69 12.56
C ARG A 1677 -47.59 -8.65 12.14
N PRO A 1678 -47.19 -7.51 11.59
CA PRO A 1678 -48.16 -6.50 11.18
C PRO A 1678 -48.96 -6.94 9.97
N VAL A 1679 -50.15 -6.34 9.83
CA VAL A 1679 -50.99 -6.62 8.68
C VAL A 1679 -50.30 -6.14 7.42
N ILE A 1680 -50.24 -7.01 6.41
CA ILE A 1680 -49.49 -6.74 5.19
C ILE A 1680 -50.45 -6.31 4.10
N GLU A 1681 -49.89 -5.66 3.08
CA GLU A 1681 -50.68 -5.25 1.92
C GLU A 1681 -51.03 -6.47 1.07
N LEU A 1682 -51.87 -6.23 0.06
CA LEU A 1682 -52.36 -7.33 -0.77
C LEU A 1682 -51.62 -7.35 -2.09
N PRO A 1683 -50.68 -8.27 -2.31
CA PRO A 1683 -50.08 -8.42 -3.64
C PRO A 1683 -50.88 -9.40 -4.50
N HIS A 1684 -50.39 -9.71 -5.69
CA HIS A 1684 -51.05 -10.70 -6.53
C HIS A 1684 -51.03 -12.07 -5.85
N CYS A 1685 -52.19 -12.72 -5.80
CA CYS A 1685 -52.34 -13.98 -5.12
C CYS A 1685 -52.49 -15.18 -6.06
N GLU A 1686 -52.29 -14.98 -7.36
CA GLU A 1686 -52.40 -16.08 -8.30
C GLU A 1686 -51.27 -17.09 -8.08
N ASN A 1687 -51.64 -18.38 -8.08
CA ASN A 1687 -50.65 -19.43 -7.86
C ASN A 1687 -49.60 -19.44 -8.95
N SER A 1688 -50.01 -19.22 -10.21
CA SER A 1688 -49.08 -19.17 -11.31
C SER A 1688 -48.23 -17.90 -11.32
N GLU A 1689 -48.55 -16.94 -10.47
CA GLU A 1689 -47.82 -15.67 -10.46
C GLU A 1689 -46.78 -15.58 -9.35
N ILE A 1690 -46.90 -16.39 -8.29
CA ILE A 1690 -46.00 -16.29 -7.15
C ILE A 1690 -45.14 -17.55 -7.07
N ILE A 1691 -43.94 -17.35 -6.53
CA ILE A 1691 -43.04 -18.43 -6.12
C ILE A 1691 -42.99 -18.43 -4.61
N ILE A 1692 -43.21 -19.60 -4.02
CA ILE A 1692 -43.25 -19.75 -2.57
C ILE A 1692 -42.16 -20.72 -2.17
N ARG A 1693 -41.21 -20.26 -1.36
CA ARG A 1693 -40.14 -21.07 -0.82
C ARG A 1693 -40.32 -21.20 0.68
N LEU A 1694 -40.43 -22.42 1.17
CA LEU A 1694 -40.63 -22.70 2.58
C LEU A 1694 -39.36 -23.30 3.18
N TYR A 1695 -39.01 -22.83 4.38
CA TYR A 1695 -37.90 -23.37 5.15
C TYR A 1695 -38.48 -23.94 6.44
N GLU A 1696 -38.56 -25.26 6.52
CA GLU A 1696 -39.04 -25.94 7.71
C GLU A 1696 -37.86 -26.18 8.64
N MET A 1697 -37.86 -25.53 9.80
CA MET A 1697 -36.82 -25.66 10.80
C MET A 1697 -37.43 -26.15 12.11
N PRO A 1698 -36.93 -27.24 12.69
CA PRO A 1698 -37.50 -27.73 13.95
C PRO A 1698 -37.35 -26.75 15.10
N TYR A 1699 -36.24 -26.00 15.14
CA TYR A 1699 -35.98 -25.06 16.23
C TYR A 1699 -35.45 -23.76 15.66
N PHE A 1700 -35.86 -22.65 16.27
CA PHE A 1700 -35.36 -21.34 15.90
C PHE A 1700 -34.10 -21.05 16.70
N PRO A 1701 -32.94 -20.91 16.07
CA PRO A 1701 -31.74 -20.50 16.82
C PRO A 1701 -31.93 -19.10 17.41
N MET A 1702 -31.32 -18.89 18.56
CA MET A 1702 -31.44 -17.59 19.23
C MET A 1702 -30.74 -16.51 18.41
N GLY A 1703 -31.40 -15.36 18.28
CA GLY A 1703 -30.86 -14.28 17.49
C GLY A 1703 -30.96 -14.46 16.00
N PHE A 1704 -31.67 -15.50 15.54
CA PHE A 1704 -31.80 -15.74 14.11
C PHE A 1704 -32.52 -14.59 13.42
N TRP A 1705 -33.65 -14.17 13.99
CA TRP A 1705 -34.47 -13.16 13.32
C TRP A 1705 -33.75 -11.83 13.25
N SER A 1706 -33.07 -11.42 14.32
CA SER A 1706 -32.36 -10.15 14.30
C SER A 1706 -31.24 -10.15 13.26
N ARG A 1707 -30.49 -11.25 13.19
CA ARG A 1707 -29.42 -11.34 12.19
C ARG A 1707 -30.00 -11.32 10.78
N LEU A 1708 -31.11 -12.03 10.55
CA LEU A 1708 -31.73 -12.00 9.22
C LEU A 1708 -32.23 -10.61 8.87
N ILE A 1709 -32.79 -9.89 9.84
CA ILE A 1709 -33.23 -8.53 9.60
C ILE A 1709 -32.03 -7.66 9.23
N ASN A 1710 -30.92 -7.83 9.94
CA ASN A 1710 -29.73 -7.05 9.65
C ASN A 1710 -29.20 -7.32 8.26
N ARG A 1711 -29.22 -8.59 7.83
CA ARG A 1711 -28.63 -8.93 6.53
C ARG A 1711 -29.60 -8.84 5.38
N LEU A 1712 -30.91 -8.86 5.63
CA LEU A 1712 -31.86 -8.69 4.54
C LEU A 1712 -32.07 -7.20 4.25
N LEU A 1713 -30.97 -6.48 4.08
CA LEU A 1713 -31.02 -5.07 3.71
C LEU A 1713 -30.21 -4.77 2.45
N GLU A 1714 -29.11 -5.47 2.21
CA GLU A 1714 -28.34 -5.31 0.98
C GLU A 1714 -28.91 -6.21 -0.11
N ILE A 1715 -30.14 -5.88 -0.50
CA ILE A 1715 -30.85 -6.58 -1.56
C ILE A 1715 -31.16 -5.57 -2.67
N SER A 1716 -30.90 -5.97 -3.91
CA SER A 1716 -31.10 -5.06 -5.03
C SER A 1716 -31.67 -5.81 -6.22
N PRO A 1717 -32.69 -5.26 -6.89
CA PRO A 1717 -33.16 -5.84 -8.15
C PRO A 1717 -32.43 -5.35 -9.39
N TYR A 1718 -31.41 -4.53 -9.22
CA TYR A 1718 -30.65 -4.00 -10.35
C TYR A 1718 -29.15 -4.22 -10.14
N ARG A 1728 -37.25 1.54 -4.44
CA ARG A 1728 -38.22 1.97 -3.44
C ARG A 1728 -38.49 0.88 -2.41
N PRO A 1729 -37.59 0.72 -1.45
CA PRO A 1729 -37.74 -0.33 -0.42
C PRO A 1729 -38.74 0.05 0.69
N ASN A 1730 -40.02 -0.21 0.41
CA ASN A 1730 -41.09 0.02 1.39
C ASN A 1730 -41.04 -1.11 2.41
N ARG A 1731 -40.11 -1.00 3.34
CA ARG A 1731 -39.77 -2.08 4.25
C ARG A 1731 -40.64 -2.02 5.50
N MET A 1732 -41.24 -3.14 5.87
CA MET A 1732 -41.97 -3.28 7.12
C MET A 1732 -41.21 -4.30 7.98
N TYR A 1733 -41.01 -3.95 9.25
CA TYR A 1733 -40.12 -4.71 10.12
C TYR A 1733 -40.91 -5.41 11.21
N TRP A 1734 -40.58 -6.68 11.44
CA TRP A 1734 -41.15 -7.46 12.54
C TRP A 1734 -40.21 -8.63 12.81
N ARG A 1735 -40.37 -9.22 13.99
CA ARG A 1735 -39.55 -10.37 14.37
C ARG A 1735 -39.90 -11.60 13.54
N ILE A 1738 -39.62 -9.53 7.29
CA ILE A 1738 -39.37 -8.42 6.39
C ILE A 1738 -40.31 -8.48 5.19
N TYR A 1739 -40.99 -7.37 4.93
CA TYR A 1739 -41.80 -7.18 3.73
C TYR A 1739 -41.02 -6.19 2.88
N LEU A 1740 -40.10 -6.69 2.07
CA LEU A 1740 -39.23 -5.81 1.28
C LEU A 1740 -39.79 -5.77 -0.13
N ASN A 1741 -40.55 -4.72 -0.43
CA ASN A 1741 -41.27 -4.58 -1.69
C ASN A 1741 -40.72 -3.36 -2.42
N TRP A 1742 -40.18 -3.57 -3.62
CA TRP A 1742 -39.68 -2.46 -4.42
C TRP A 1742 -40.66 -2.01 -5.48
N SER A 1743 -41.49 -2.91 -5.99
CA SER A 1743 -42.40 -2.61 -7.07
C SER A 1743 -43.47 -3.70 -7.10
N PRO A 1744 -44.62 -3.45 -7.73
CA PRO A 1744 -45.67 -4.48 -7.81
C PRO A 1744 -45.19 -5.79 -8.44
N GLU A 1745 -44.02 -5.81 -9.08
CA GLU A 1745 -43.46 -7.04 -9.62
C GLU A 1745 -42.11 -7.38 -9.01
N ALA A 1746 -41.84 -6.91 -7.79
CA ALA A 1746 -40.60 -7.25 -7.11
C ALA A 1746 -40.80 -7.08 -5.61
N TYR A 1747 -40.86 -8.19 -4.89
CA TYR A 1747 -41.07 -8.14 -3.45
C TYR A 1747 -40.71 -9.47 -2.83
N CYS A 1748 -40.11 -9.41 -1.64
CA CYS A 1748 -39.87 -10.60 -0.83
C CYS A 1748 -40.67 -10.48 0.46
N LEU A 1749 -41.56 -11.44 0.67
CA LEU A 1749 -42.41 -11.54 1.85
C LEU A 1749 -41.78 -12.45 2.90
N VAL A 1750 -40.54 -12.19 3.28
CA VAL A 1750 -39.83 -13.09 4.16
C VAL A 1750 -40.44 -13.01 5.55
N GLY A 1751 -41.21 -14.04 5.92
CA GLY A 1751 -41.84 -14.09 7.22
C GLY A 1751 -41.65 -15.45 7.88
N SER A 1752 -42.16 -15.57 9.09
CA SER A 1752 -42.12 -16.83 9.82
C SER A 1752 -43.50 -17.11 10.40
N GLU A 1753 -43.84 -18.38 10.49
CA GLU A 1753 -45.16 -18.78 10.97
C GLU A 1753 -45.13 -20.25 11.38
N VAL A 1754 -46.29 -20.78 11.73
CA VAL A 1754 -46.47 -22.17 12.12
C VAL A 1754 -47.93 -22.54 11.94
N LEU A 1755 -48.19 -23.71 11.37
CA LEU A 1755 -49.56 -24.18 11.24
C LEU A 1755 -50.05 -24.77 12.55
N ASP A 1756 -51.37 -24.87 12.68
CA ASP A 1756 -51.96 -25.45 13.88
C ASP A 1756 -51.53 -26.91 14.05
N ASN A 1757 -51.53 -27.66 12.96
CA ASN A 1757 -51.11 -29.06 12.97
C ASN A 1757 -49.64 -29.19 12.56
N HIS A 1758 -48.78 -28.50 13.29
CA HIS A 1758 -47.35 -28.56 13.03
C HIS A 1758 -46.54 -28.15 14.25
N PRO A 1759 -45.58 -28.96 14.69
CA PRO A 1759 -44.74 -28.61 15.84
C PRO A 1759 -43.44 -27.90 15.52
N GLU A 1760 -43.13 -27.69 14.24
CA GLU A 1760 -41.91 -27.01 13.82
C GLU A 1760 -42.26 -25.61 13.32
N SER A 1761 -41.24 -24.89 12.86
CA SER A 1761 -41.42 -23.51 12.41
C SER A 1761 -41.17 -23.39 10.91
N PHE A 1762 -41.84 -22.43 10.28
CA PHE A 1762 -41.76 -22.22 8.85
C PHE A 1762 -41.26 -20.80 8.57
N LEU A 1763 -40.31 -20.69 7.63
CA LEU A 1763 -39.87 -19.41 7.08
C LEU A 1763 -40.35 -19.37 5.64
N LYS A 1764 -41.24 -18.43 5.33
CA LYS A 1764 -41.87 -18.34 4.02
C LYS A 1764 -41.31 -17.16 3.24
N ILE A 1765 -40.92 -17.43 2.00
CA ILE A 1765 -40.53 -16.40 1.05
C ILE A 1765 -41.54 -16.42 -0.09
N THR A 1766 -42.18 -15.28 -0.33
CA THR A 1766 -43.15 -15.13 -1.39
C THR A 1766 -42.64 -14.07 -2.36
N VAL A 1767 -42.36 -14.48 -3.60
CA VAL A 1767 -41.83 -13.54 -4.59
C VAL A 1767 -42.71 -13.62 -5.83
N PRO A 1768 -42.69 -12.59 -6.67
CA PRO A 1768 -43.43 -12.66 -7.93
C PRO A 1768 -42.64 -13.43 -8.97
N SER A 1769 -43.37 -14.21 -9.79
CA SER A 1769 -42.74 -15.05 -10.80
C SER A 1769 -42.63 -14.27 -12.11
N CYS A 1770 -41.68 -13.34 -12.14
CA CYS A 1770 -41.44 -12.52 -13.31
C CYS A 1770 -39.94 -12.31 -13.45
N ARG A 1771 -39.54 -11.45 -14.40
CA ARG A 1771 -38.13 -11.27 -14.69
C ARG A 1771 -37.38 -10.60 -13.53
N LYS A 1772 -38.03 -9.72 -12.79
CA LYS A 1772 -37.35 -9.00 -11.73
C LYS A 1772 -37.43 -9.69 -10.38
N GLY A 1773 -38.61 -10.23 -10.04
CA GLY A 1773 -38.79 -10.81 -8.71
C GLY A 1773 -37.90 -12.01 -8.45
N CYS A 1774 -37.59 -12.79 -9.48
CA CYS A 1774 -36.76 -13.96 -9.29
C CYS A 1774 -35.34 -13.59 -8.87
N ILE A 1775 -34.85 -12.43 -9.29
CA ILE A 1775 -33.57 -11.94 -8.78
C ILE A 1775 -33.64 -11.71 -7.28
N LEU A 1776 -34.74 -11.11 -6.82
CA LEU A 1776 -34.92 -10.91 -5.38
C LEU A 1776 -35.00 -12.23 -4.64
N LEU A 1777 -35.69 -13.22 -5.22
CA LEU A 1777 -35.77 -14.54 -4.60
C LEU A 1777 -34.39 -15.18 -4.52
N GLY A 1778 -33.61 -15.09 -5.59
CA GLY A 1778 -32.26 -15.63 -5.55
C GLY A 1778 -31.39 -14.96 -4.50
N GLN A 1779 -31.49 -13.63 -4.41
CA GLN A 1779 -30.71 -12.91 -3.40
C GLN A 1779 -31.15 -13.28 -1.99
N VAL A 1780 -32.46 -13.41 -1.76
CA VAL A 1780 -32.95 -13.75 -0.42
C VAL A 1780 -32.50 -15.16 -0.04
N VAL A 1781 -32.59 -16.11 -0.97
CA VAL A 1781 -32.13 -17.47 -0.71
C VAL A 1781 -30.63 -17.47 -0.44
N ASP A 1782 -29.88 -16.68 -1.19
CA ASP A 1782 -28.44 -16.59 -0.99
C ASP A 1782 -28.10 -16.03 0.38
N HIS A 1783 -28.81 -14.98 0.81
CA HIS A 1783 -28.56 -14.39 2.11
C HIS A 1783 -28.94 -15.33 3.24
N ILE A 1784 -30.06 -16.03 3.11
CA ILE A 1784 -30.47 -16.99 4.13
C ILE A 1784 -29.46 -18.12 4.23
N ASP A 1785 -28.98 -18.62 3.10
CA ASP A 1785 -27.98 -19.68 3.13
C ASP A 1785 -26.66 -19.20 3.71
N SER A 1786 -26.26 -17.96 3.39
CA SER A 1786 -25.06 -17.40 3.99
C SER A 1786 -25.21 -17.26 5.50
N LEU A 1787 -26.41 -16.88 5.97
CA LEU A 1787 -26.66 -16.79 7.40
C LEU A 1787 -26.57 -18.16 8.06
N MET A 1788 -27.15 -19.18 7.44
CA MET A 1788 -27.12 -20.50 8.05
C MET A 1788 -25.82 -21.25 7.79
N GLU A 1789 -24.90 -20.70 7.02
CA GLU A 1789 -23.58 -21.32 6.88
C GLU A 1789 -22.50 -20.61 7.67
N GLU A 1790 -22.50 -19.28 7.69
CA GLU A 1790 -21.49 -18.53 8.42
C GLU A 1790 -21.87 -18.38 9.89
N TRP A 1791 -22.98 -17.70 10.17
CA TRP A 1791 -23.33 -17.38 11.55
C TRP A 1791 -23.74 -18.62 12.33
N PHE A 1792 -24.64 -19.44 11.78
CA PHE A 1792 -25.21 -20.60 12.47
C PHE A 1792 -24.93 -21.85 11.64
N PRO A 1793 -23.70 -22.38 11.69
CA PRO A 1793 -23.41 -23.62 10.96
C PRO A 1793 -24.34 -24.74 11.34
N GLY A 1794 -24.49 -25.73 10.46
CA GLY A 1794 -25.44 -26.80 10.74
C GLY A 1794 -26.87 -26.32 10.57
N LEU A 1795 -27.78 -27.05 11.20
CA LEU A 1795 -29.22 -26.79 11.12
C LEU A 1795 -29.70 -26.87 9.68
N LEU A 1807 -33.28 -31.28 11.23
CA LEU A 1807 -32.93 -31.23 9.82
C LEU A 1807 -33.73 -30.16 9.09
N LEU A 1808 -33.02 -29.15 8.60
CA LEU A 1808 -33.66 -28.09 7.84
C LEU A 1808 -34.17 -28.61 6.51
N LYS A 1809 -35.41 -28.25 6.16
CA LYS A 1809 -36.03 -28.67 4.91
C LYS A 1809 -36.36 -27.46 4.05
N LYS A 1810 -36.11 -27.58 2.75
CA LYS A 1810 -36.46 -26.53 1.79
C LYS A 1810 -37.50 -27.07 0.85
N TRP A 1811 -38.64 -26.38 0.76
CA TRP A 1811 -39.75 -26.77 -0.10
C TRP A 1811 -40.02 -25.65 -1.09
N ALA A 1812 -40.48 -26.02 -2.28
CA ALA A 1812 -41.02 -25.06 -3.24
C ALA A 1812 -42.46 -25.43 -3.53
N LEU A 1813 -43.35 -24.44 -3.53
CA LEU A 1813 -44.77 -24.69 -3.70
C LEU A 1813 -45.17 -24.42 -5.14
N TYR A 1814 -45.84 -25.40 -5.75
CA TYR A 1814 -46.27 -25.30 -7.14
C TYR A 1814 -47.74 -25.72 -7.25
N SER A 1815 -48.42 -25.15 -8.24
CA SER A 1815 -49.80 -25.48 -8.53
C SER A 1815 -49.95 -25.67 -10.04
N PHE A 1816 -50.46 -26.84 -10.44
CA PHE A 1816 -50.65 -27.09 -11.87
C PHE A 1816 -51.68 -26.13 -12.46
N ASN A 1817 -52.77 -25.89 -11.74
CA ASN A 1817 -53.81 -24.98 -12.19
C ASN A 1817 -54.19 -24.05 -11.05
N ASP A 1818 -54.65 -22.85 -11.42
CA ASP A 1818 -55.06 -21.87 -10.43
C ASP A 1818 -56.30 -22.33 -9.68
N GLY A 1819 -56.43 -21.87 -8.45
CA GLY A 1819 -57.52 -22.25 -7.59
C GLY A 1819 -57.35 -23.56 -6.86
N GLU A 1820 -56.24 -24.26 -7.07
CA GLU A 1820 -55.95 -25.50 -6.38
C GLU A 1820 -55.00 -25.25 -5.22
N GLU A 1821 -54.98 -26.20 -4.29
CA GLU A 1821 -54.08 -26.09 -3.15
C GLU A 1821 -52.63 -26.20 -3.61
N HIS A 1822 -51.76 -25.43 -2.97
CA HIS A 1822 -50.35 -25.48 -3.31
C HIS A 1822 -49.75 -26.81 -2.89
N GLN A 1823 -49.02 -27.44 -3.81
CA GLN A 1823 -48.35 -28.70 -3.53
C GLN A 1823 -46.87 -28.43 -3.30
N LYS A 1824 -46.34 -28.94 -2.20
CA LYS A 1824 -44.96 -28.68 -1.80
C LYS A 1824 -44.07 -29.80 -2.30
N ILE A 1825 -42.97 -29.42 -2.97
CA ILE A 1825 -42.01 -30.39 -3.49
C ILE A 1825 -40.62 -30.03 -2.97
N LEU A 1826 -39.86 -31.05 -2.58
CA LEU A 1826 -38.52 -30.84 -2.08
C LEU A 1826 -37.62 -30.27 -3.17
N LEU A 1827 -36.69 -29.40 -2.77
CA LEU A 1827 -35.81 -28.75 -3.73
C LEU A 1827 -34.85 -29.72 -4.40
N ASP A 1828 -34.55 -30.85 -3.77
CA ASP A 1828 -33.71 -31.86 -4.42
C ASP A 1828 -34.41 -32.44 -5.64
N ASP A 1829 -35.71 -32.71 -5.53
CA ASP A 1829 -36.47 -33.22 -6.66
C ASP A 1829 -36.52 -32.20 -7.79
N LEU A 1830 -36.73 -30.93 -7.45
CA LEU A 1830 -36.76 -29.90 -8.48
C LEU A 1830 -35.40 -29.73 -9.14
N MET A 1831 -34.31 -29.83 -8.37
CA MET A 1831 -32.98 -29.78 -8.96
C MET A 1831 -32.75 -30.95 -9.90
N LYS A 1832 -33.20 -32.15 -9.51
CA LYS A 1832 -33.08 -33.31 -10.39
C LYS A 1832 -33.87 -33.10 -11.68
N LYS A 1833 -35.09 -32.56 -11.58
CA LYS A 1833 -35.89 -32.30 -12.76
C LYS A 1833 -35.23 -31.27 -13.67
N ALA A 1834 -34.65 -30.22 -13.07
CA ALA A 1834 -33.97 -29.21 -13.87
C ALA A 1834 -32.71 -29.76 -14.53
N GLU A 1835 -32.01 -30.66 -13.86
CA GLU A 1835 -30.87 -31.32 -14.50
C GLU A 1835 -31.31 -32.21 -15.65
N GLU A 1836 -32.41 -32.95 -15.48
CA GLU A 1836 -32.89 -33.83 -16.53
C GLU A 1836 -33.45 -33.03 -17.70
N GLY A 1837 -34.29 -32.05 -17.41
CA GLY A 1837 -34.92 -31.25 -18.45
C GLY A 1837 -35.33 -29.90 -17.92
N ASP A 1838 -36.34 -29.31 -18.54
CA ASP A 1838 -36.84 -28.00 -18.13
C ASP A 1838 -38.36 -28.00 -17.98
N LEU A 1839 -38.94 -29.15 -17.64
CA LEU A 1839 -40.38 -29.26 -17.46
C LEU A 1839 -40.66 -30.27 -16.35
N LEU A 1840 -41.59 -29.90 -15.46
CA LEU A 1840 -42.10 -30.79 -14.44
C LEU A 1840 -43.48 -31.25 -14.87
N VAL A 1841 -43.66 -32.56 -15.05
CA VAL A 1841 -44.87 -33.13 -15.60
C VAL A 1841 -45.58 -33.93 -14.51
N ASN A 1842 -46.91 -33.84 -14.51
CA ASN A 1842 -47.71 -34.55 -13.52
C ASN A 1842 -47.56 -36.06 -13.72
N PRO A 1843 -47.17 -36.81 -12.69
CA PRO A 1843 -47.09 -38.28 -12.85
C PRO A 1843 -48.41 -38.90 -13.25
N ASP A 1844 -49.54 -38.38 -12.78
CA ASP A 1844 -50.84 -38.87 -13.18
C ASP A 1844 -51.32 -38.07 -14.39
N GLN A 1845 -51.60 -38.77 -15.49
CA GLN A 1845 -52.01 -38.16 -16.75
C GLN A 1845 -50.95 -37.17 -17.21
N PRO A 1846 -49.77 -37.64 -17.64
CA PRO A 1846 -48.67 -36.71 -17.95
C PRO A 1846 -48.93 -35.88 -19.20
N ARG A 1847 -49.87 -34.94 -19.10
CA ARG A 1847 -50.16 -34.00 -20.17
C ARG A 1847 -50.07 -32.54 -19.76
N LEU A 1848 -50.07 -32.25 -18.46
CA LEU A 1848 -49.91 -30.89 -17.96
C LEU A 1848 -48.53 -30.75 -17.34
N THR A 1849 -47.81 -29.69 -17.74
CA THR A 1849 -46.43 -29.50 -17.31
C THR A 1849 -46.18 -28.03 -17.05
N ILE A 1850 -45.17 -27.76 -16.22
CA ILE A 1850 -44.76 -26.39 -15.86
C ILE A 1850 -43.25 -26.30 -15.93
N PRO A 1851 -42.69 -25.28 -16.59
CA PRO A 1851 -41.24 -25.12 -16.60
C PRO A 1851 -40.69 -24.80 -15.20
N ILE A 1852 -39.44 -25.21 -14.98
CA ILE A 1852 -38.80 -24.98 -13.70
C ILE A 1852 -38.65 -23.49 -13.43
N SER A 1853 -38.40 -22.70 -14.48
CA SER A 1853 -38.25 -21.26 -14.32
C SER A 1853 -39.50 -20.62 -13.74
N GLN A 1854 -40.66 -21.26 -13.89
CA GLN A 1854 -41.90 -20.76 -13.31
C GLN A 1854 -42.15 -21.29 -11.91
N ILE A 1855 -41.25 -22.11 -11.37
CA ILE A 1855 -41.48 -22.75 -10.08
C ILE A 1855 -40.33 -22.48 -9.12
N ALA A 1856 -39.10 -22.76 -9.55
CA ALA A 1856 -37.90 -22.58 -8.73
C ALA A 1856 -36.86 -21.83 -9.54
N PRO A 1857 -37.01 -20.52 -9.70
CA PRO A 1857 -36.11 -19.77 -10.58
C PRO A 1857 -34.76 -19.47 -9.94
N ASP A 1858 -34.16 -20.49 -9.33
CA ASP A 1858 -32.79 -20.38 -8.86
C ASP A 1858 -32.01 -21.67 -9.03
N LEU A 1859 -32.63 -22.72 -9.56
CA LEU A 1859 -31.96 -23.97 -9.83
C LEU A 1859 -31.39 -24.04 -11.24
N ILE A 1860 -32.02 -23.33 -12.17
CA ILE A 1860 -31.52 -23.22 -13.54
C ILE A 1860 -30.75 -21.92 -13.75
N LEU A 1861 -30.27 -21.30 -12.66
CA LEU A 1861 -29.54 -20.04 -12.72
C LEU A 1861 -30.36 -18.97 -13.44
N ALA A 1862 -31.67 -19.03 -13.28
CA ALA A 1862 -32.54 -18.11 -14.01
C ALA A 1862 -32.33 -16.69 -13.53
N ASP A 1863 -32.61 -15.74 -14.42
CA ASP A 1863 -32.55 -14.31 -14.13
C ASP A 1863 -31.13 -13.86 -13.77
N LEU A 1864 -30.13 -14.50 -14.36
CA LEU A 1864 -28.77 -13.99 -14.32
C LEU A 1864 -28.66 -12.78 -15.25
N PRO A 1865 -27.60 -11.97 -15.12
CA PRO A 1865 -27.57 -10.69 -15.84
C PRO A 1865 -27.71 -10.89 -17.35
N ARG A 1866 -28.29 -9.87 -18.01
CA ARG A 1866 -28.68 -10.01 -19.41
C ARG A 1866 -27.50 -10.36 -20.30
N ASN A 1867 -26.38 -9.72 -20.08
CA ASN A 1867 -25.22 -10.03 -20.91
C ASN A 1867 -24.47 -11.29 -20.46
N ILE A 1868 -24.99 -12.17 -19.61
CA ILE A 1868 -24.17 -13.24 -19.05
C ILE A 1868 -24.76 -14.64 -19.24
N MET A 1869 -26.06 -14.83 -19.46
CA MET A 1869 -26.55 -16.20 -19.58
C MET A 1869 -25.93 -16.87 -20.80
N LEU A 1870 -25.48 -18.09 -20.62
CA LEU A 1870 -24.82 -18.81 -21.68
C LEU A 1870 -25.79 -19.14 -22.81
N ASN A 1871 -25.38 -18.83 -24.03
CA ASN A 1871 -26.09 -19.26 -25.23
C ASN A 1871 -25.54 -20.63 -25.63
N ASN A 1872 -26.38 -21.66 -25.52
CA ASN A 1872 -25.91 -23.03 -25.70
C ASN A 1872 -25.39 -23.31 -27.10
N ASP A 1873 -25.74 -22.49 -28.09
CA ASP A 1873 -25.36 -22.77 -29.46
C ASP A 1873 -23.96 -22.25 -29.77
N GLU A 1874 -23.68 -21.00 -29.40
CA GLU A 1874 -22.40 -20.40 -29.73
C GLU A 1874 -21.24 -21.13 -29.06
N LEU A 1875 -21.36 -21.43 -27.78
CA LEU A 1875 -20.26 -22.01 -27.03
C LEU A 1875 -20.04 -23.46 -27.43
N GLU A 1876 -18.77 -23.86 -27.44
CA GLU A 1876 -18.44 -25.27 -27.62
C GLU A 1876 -18.66 -26.05 -26.33
N PHE A 1877 -18.04 -25.59 -25.24
CA PHE A 1877 -18.20 -26.18 -23.91
C PHE A 1877 -17.83 -27.65 -23.88
N GLU A 1878 -16.99 -28.09 -24.82
CA GLU A 1878 -16.59 -29.48 -24.86
C GLU A 1878 -15.65 -29.78 -23.70
N GLN A 1879 -16.22 -30.27 -22.60
CA GLN A 1879 -15.46 -30.56 -21.39
C GLN A 1879 -14.91 -31.99 -21.40
N ALA A 1880 -14.22 -32.34 -22.47
CA ALA A 1880 -13.66 -33.68 -22.58
C ALA A 1880 -12.46 -33.82 -21.64
N PRO A 1881 -12.40 -34.89 -20.84
CA PRO A 1881 -11.20 -35.16 -20.05
C PRO A 1881 -9.92 -35.04 -20.86
N GLU A 1882 -8.85 -34.63 -20.18
CA GLU A 1882 -7.50 -34.52 -20.73
C GLU A 1882 -7.38 -33.40 -21.75
N PHE A 1883 -8.48 -32.74 -22.07
CA PHE A 1883 -8.44 -31.47 -22.79
C PHE A 1883 -8.46 -30.31 -21.80
N LEU A 1884 -7.60 -30.39 -20.79
CA LEU A 1884 -7.65 -29.52 -19.63
C LEU A 1884 -7.00 -28.17 -19.93
N LEU A 1885 -7.02 -27.29 -18.93
CA LEU A 1885 -6.28 -26.04 -18.96
C LEU A 1885 -5.37 -26.01 -17.74
N GLY A 1886 -4.07 -25.95 -17.97
CA GLY A 1886 -3.11 -26.10 -16.89
C GLY A 1886 -2.99 -27.50 -16.37
N ASP A 1887 -3.40 -28.50 -17.17
CA ASP A 1887 -3.35 -29.91 -16.79
C ASP A 1887 -4.17 -30.19 -15.54
N GLY A 1888 -5.21 -29.40 -15.31
CA GLY A 1888 -6.08 -29.59 -14.17
C GLY A 1888 -5.63 -28.97 -12.89
N SER A 1889 -4.45 -28.32 -12.87
CA SER A 1889 -4.00 -27.63 -11.66
C SER A 1889 -4.88 -26.44 -11.32
N PHE A 1890 -5.65 -25.94 -12.27
CA PHE A 1890 -6.63 -24.88 -12.05
C PHE A 1890 -8.01 -25.41 -11.73
N GLY A 1891 -8.09 -26.58 -11.10
CA GLY A 1891 -9.37 -27.18 -10.81
C GLY A 1891 -9.86 -28.03 -11.97
N SER A 1892 -11.19 -28.05 -12.15
CA SER A 1892 -11.81 -28.78 -13.25
C SER A 1892 -12.09 -27.81 -14.41
N VAL A 1893 -11.00 -27.35 -15.03
CA VAL A 1893 -11.06 -26.38 -16.11
C VAL A 1893 -10.48 -27.00 -17.37
N TYR A 1894 -11.21 -26.88 -18.47
CA TYR A 1894 -10.79 -27.33 -19.79
C TYR A 1894 -10.89 -26.15 -20.75
N ARG A 1895 -10.54 -26.38 -22.01
CA ARG A 1895 -10.63 -25.35 -23.03
C ARG A 1895 -11.87 -25.52 -23.89
N ALA A 1896 -12.34 -24.41 -24.43
CA ALA A 1896 -13.50 -24.40 -25.31
C ALA A 1896 -13.47 -23.11 -26.12
N ALA A 1897 -14.56 -22.83 -26.83
CA ALA A 1897 -14.66 -21.61 -27.62
C ALA A 1897 -16.08 -21.08 -27.52
N TYR A 1898 -16.21 -19.79 -27.19
CA TYR A 1898 -17.52 -19.20 -26.96
C TYR A 1898 -18.10 -18.59 -28.24
N GLU A 1899 -17.40 -17.64 -28.83
CA GLU A 1899 -17.85 -16.96 -30.04
C GLU A 1899 -16.69 -16.84 -31.03
N GLY A 1900 -16.00 -17.95 -31.24
CA GLY A 1900 -14.80 -17.98 -32.05
C GLY A 1900 -13.53 -17.70 -31.29
N GLU A 1901 -13.63 -17.34 -30.00
CA GLU A 1901 -12.48 -17.06 -29.16
C GLU A 1901 -12.34 -18.15 -28.11
N GLU A 1902 -11.10 -18.55 -27.85
CA GLU A 1902 -10.85 -19.59 -26.87
C GLU A 1902 -11.22 -19.10 -25.47
N VAL A 1903 -11.76 -20.02 -24.67
CA VAL A 1903 -12.22 -19.72 -23.32
C VAL A 1903 -11.96 -20.94 -22.42
N ALA A 1904 -12.11 -20.72 -21.13
CA ALA A 1904 -11.88 -21.75 -20.12
C ALA A 1904 -13.20 -22.14 -19.46
N VAL A 1905 -13.49 -23.42 -19.40
CA VAL A 1905 -14.75 -23.94 -18.88
C VAL A 1905 -14.47 -24.69 -17.58
N LYS A 1906 -15.21 -24.34 -16.53
CA LYS A 1906 -15.11 -24.99 -15.22
C LYS A 1906 -16.43 -25.67 -14.91
N ILE A 1907 -16.40 -27.00 -14.79
CA ILE A 1907 -17.60 -27.79 -14.57
C ILE A 1907 -17.87 -27.89 -13.08
N PHE A 1908 -19.10 -27.56 -12.68
CA PHE A 1908 -19.54 -27.70 -11.30
C PHE A 1908 -20.34 -29.00 -11.17
N ASN A 1909 -19.92 -29.86 -10.25
CA ASN A 1909 -20.58 -31.15 -10.05
C ASN A 1909 -21.96 -30.97 -9.41
N SER A 1913 -24.96 -29.31 -4.84
CA SER A 1913 -23.73 -28.80 -5.41
C SER A 1913 -23.97 -27.52 -6.20
N LEU A 1914 -25.24 -27.10 -6.27
CA LEU A 1914 -25.60 -25.83 -6.88
C LEU A 1914 -25.24 -24.64 -5.99
N ARG A 1915 -25.06 -24.88 -4.70
CA ARG A 1915 -24.75 -23.80 -3.76
C ARG A 1915 -23.44 -23.11 -4.14
N LEU A 1916 -22.41 -23.89 -4.45
CA LEU A 1916 -21.11 -23.32 -4.76
C LEU A 1916 -21.16 -22.46 -6.02
N LEU A 1917 -21.89 -22.92 -7.04
CA LEU A 1917 -21.97 -22.17 -8.29
C LEU A 1917 -22.66 -20.82 -8.08
N ARG A 1918 -23.78 -20.82 -7.35
CA ARG A 1918 -24.49 -19.57 -7.13
C ARG A 1918 -23.67 -18.62 -6.25
N GLN A 1919 -22.99 -19.15 -5.24
CA GLN A 1919 -22.15 -18.31 -4.40
C GLN A 1919 -21.02 -17.67 -5.23
N GLU A 1920 -20.37 -18.47 -6.08
CA GLU A 1920 -19.28 -17.93 -6.90
C GLU A 1920 -19.82 -16.91 -7.89
N LEU A 1921 -20.99 -17.16 -8.49
CA LEU A 1921 -21.56 -16.21 -9.43
C LEU A 1921 -21.91 -14.90 -8.76
N VAL A 1922 -22.47 -14.96 -7.54
CA VAL A 1922 -22.81 -13.73 -6.84
C VAL A 1922 -21.55 -12.97 -6.45
N VAL A 1923 -20.48 -13.67 -6.08
CA VAL A 1923 -19.21 -13.00 -5.82
C VAL A 1923 -18.70 -12.32 -7.10
N LEU A 1924 -18.79 -13.02 -8.23
CA LEU A 1924 -18.18 -12.55 -9.47
C LEU A 1924 -18.96 -11.44 -10.15
N CYS A 1925 -20.28 -11.42 -10.00
CA CYS A 1925 -21.09 -10.45 -10.73
C CYS A 1925 -20.86 -9.02 -10.28
N HIS A 1926 -20.16 -8.81 -9.16
CA HIS A 1926 -19.87 -7.46 -8.67
C HIS A 1926 -18.38 -7.17 -8.59
N LEU A 1927 -17.56 -7.90 -9.35
CA LEU A 1927 -16.12 -7.69 -9.41
C LEU A 1927 -15.74 -7.45 -10.87
N HIS A 1928 -15.75 -6.18 -11.27
CA HIS A 1928 -15.33 -5.77 -12.61
C HIS A 1928 -14.13 -4.85 -12.46
N HIS A 1929 -12.95 -5.40 -12.73
CA HIS A 1929 -11.70 -4.67 -12.61
C HIS A 1929 -10.77 -5.12 -13.71
N PRO A 1930 -9.89 -4.24 -14.20
CA PRO A 1930 -8.91 -4.68 -15.21
C PRO A 1930 -7.99 -5.79 -14.76
N SER A 1931 -7.75 -5.93 -13.45
CA SER A 1931 -6.86 -6.95 -12.92
C SER A 1931 -7.61 -8.14 -12.33
N LEU A 1932 -8.92 -8.22 -12.53
CA LEU A 1932 -9.73 -9.33 -12.07
C LEU A 1932 -10.31 -10.05 -13.27
N ILE A 1933 -10.18 -11.39 -13.30
CA ILE A 1933 -10.66 -12.15 -14.44
C ILE A 1933 -12.17 -12.03 -14.53
N SER A 1934 -12.66 -11.71 -15.72
CA SER A 1934 -14.03 -11.26 -15.90
C SER A 1934 -14.91 -12.39 -16.44
N LEU A 1935 -16.19 -12.32 -16.06
CA LEU A 1935 -17.14 -13.39 -16.34
C LEU A 1935 -17.68 -13.28 -17.76
N LEU A 1936 -17.69 -14.40 -18.48
CA LEU A 1936 -18.21 -14.44 -19.84
C LEU A 1936 -19.54 -15.18 -19.94
N ALA A 1937 -19.59 -16.43 -19.51
CA ALA A 1937 -20.78 -17.25 -19.68
C ALA A 1937 -21.25 -17.79 -18.34
N ALA A 1938 -22.58 -17.85 -18.17
CA ALA A 1938 -23.16 -18.34 -16.93
C ALA A 1938 -22.94 -19.83 -16.75
N GLY A 1939 -23.21 -20.61 -17.78
CA GLY A 1939 -23.06 -22.06 -17.69
C GLY A 1939 -24.21 -22.75 -16.99
N ILE A 1940 -25.39 -22.69 -17.59
CA ILE A 1940 -26.61 -23.13 -16.92
C ILE A 1940 -26.80 -24.64 -17.02
N ARG A 1941 -26.90 -25.17 -18.25
CA ARG A 1941 -27.37 -26.54 -18.38
C ARG A 1941 -26.29 -27.56 -18.04
N PRO A 1942 -25.05 -27.46 -18.52
CA PRO A 1942 -23.98 -28.29 -17.94
C PRO A 1942 -23.65 -27.92 -16.50
N ARG A 1943 -24.19 -26.81 -15.98
CA ARG A 1943 -23.89 -26.32 -14.64
C ARG A 1943 -22.39 -26.05 -14.49
N MET A 1944 -21.95 -25.05 -15.24
CA MET A 1944 -20.52 -24.73 -15.37
C MET A 1944 -20.35 -23.22 -15.37
N LEU A 1945 -19.12 -22.78 -15.60
CA LEU A 1945 -18.77 -21.35 -15.59
C LEU A 1945 -17.63 -21.14 -16.58
N VAL A 1946 -17.82 -20.19 -17.50
CA VAL A 1946 -16.87 -19.98 -18.60
C VAL A 1946 -16.23 -18.61 -18.44
N MET A 1947 -14.91 -18.58 -18.53
CA MET A 1947 -14.10 -17.38 -18.34
C MET A 1947 -13.20 -17.16 -19.55
N GLU A 1948 -12.67 -15.95 -19.65
CA GLU A 1948 -11.68 -15.63 -20.67
C GLU A 1948 -10.38 -16.36 -20.39
N LEU A 1949 -9.61 -16.59 -21.44
CA LEU A 1949 -8.45 -17.48 -21.38
C LEU A 1949 -7.15 -16.70 -21.47
N ALA A 1950 -6.19 -17.10 -20.65
CA ALA A 1950 -4.85 -16.54 -20.65
C ALA A 1950 -3.92 -17.48 -21.39
N SER A 1951 -3.32 -16.99 -22.48
CA SER A 1951 -2.56 -17.87 -23.37
C SER A 1951 -1.29 -18.38 -22.72
N LYS A 1952 -0.61 -17.53 -21.94
CA LYS A 1952 0.71 -17.85 -21.40
C LYS A 1952 0.64 -18.57 -20.06
N GLY A 1953 -0.49 -19.19 -19.74
CA GLY A 1953 -0.59 -19.88 -18.47
C GLY A 1953 -0.64 -18.90 -17.31
N SER A 1954 -0.30 -19.40 -16.14
CA SER A 1954 -0.28 -18.59 -14.94
C SER A 1954 1.14 -18.07 -14.66
N LEU A 1955 1.21 -17.02 -13.84
CA LEU A 1955 2.51 -16.45 -13.49
C LEU A 1955 3.36 -17.46 -12.72
N ASP A 1956 2.73 -18.39 -12.00
CA ASP A 1956 3.48 -19.41 -11.29
C ASP A 1956 4.32 -20.25 -12.24
N ARG A 1957 3.75 -20.63 -13.39
CA ARG A 1957 4.52 -21.37 -14.37
C ARG A 1957 5.65 -20.53 -14.94
N LEU A 1958 5.41 -19.24 -15.18
CA LEU A 1958 6.45 -18.37 -15.70
C LEU A 1958 7.62 -18.28 -14.73
N LEU A 1959 7.34 -18.03 -13.46
CA LEU A 1959 8.41 -17.91 -12.48
C LEU A 1959 9.17 -19.22 -12.30
N GLN A 1960 8.48 -20.36 -12.47
CA GLN A 1960 9.13 -21.64 -12.26
C GLN A 1960 10.11 -21.97 -13.38
N GLN A 1961 9.70 -21.78 -14.64
CA GLN A 1961 10.50 -22.20 -15.78
C GLN A 1961 10.93 -21.05 -16.68
N ASP A 1962 9.98 -20.24 -17.15
CA ASP A 1962 10.29 -19.19 -18.13
C ASP A 1962 10.71 -17.93 -17.37
N LYS A 1963 11.96 -17.94 -16.91
CA LYS A 1963 12.49 -16.80 -16.18
C LYS A 1963 13.23 -15.83 -17.09
N ALA A 1964 13.74 -16.30 -18.23
CA ALA A 1964 14.55 -15.45 -19.10
C ALA A 1964 13.74 -14.30 -19.68
N SER A 1965 12.50 -14.55 -20.05
CA SER A 1965 11.68 -13.52 -20.69
C SER A 1965 11.09 -12.52 -19.71
N LEU A 1966 11.28 -12.72 -18.41
CA LEU A 1966 10.71 -11.83 -17.40
C LEU A 1966 11.73 -10.73 -17.08
N THR A 1967 11.56 -9.58 -17.73
CA THR A 1967 12.45 -8.46 -17.54
C THR A 1967 11.99 -7.62 -16.35
N ARG A 1968 12.70 -6.51 -16.10
CA ARG A 1968 12.39 -5.68 -14.96
C ARG A 1968 11.04 -4.99 -15.10
N THR A 1969 10.78 -4.43 -16.29
CA THR A 1969 9.51 -3.77 -16.51
C THR A 1969 8.34 -4.74 -16.48
N LEU A 1970 8.55 -5.98 -16.96
CA LEU A 1970 7.51 -6.99 -16.85
C LEU A 1970 7.19 -7.30 -15.39
N GLN A 1971 8.23 -7.44 -14.55
CA GLN A 1971 8.01 -7.67 -13.14
C GLN A 1971 7.23 -6.53 -12.50
N HIS A 1972 7.61 -5.29 -12.83
CA HIS A 1972 6.91 -4.14 -12.28
C HIS A 1972 5.45 -4.12 -12.72
N ARG A 1973 5.19 -4.43 -13.99
CA ARG A 1973 3.82 -4.41 -14.49
C ARG A 1973 2.98 -5.48 -13.82
N ILE A 1974 3.52 -6.69 -13.66
CA ILE A 1974 2.77 -7.76 -13.00
C ILE A 1974 2.45 -7.35 -11.57
N ALA A 1975 3.45 -6.89 -10.83
CA ALA A 1975 3.23 -6.54 -9.43
C ALA A 1975 2.25 -5.38 -9.30
N LEU A 1976 2.36 -4.38 -10.18
CA LEU A 1976 1.46 -3.23 -10.16
C LEU A 1976 0.02 -3.65 -10.42
N HIS A 1977 -0.19 -4.53 -11.42
CA HIS A 1977 -1.54 -4.99 -11.72
C HIS A 1977 -2.13 -5.80 -10.58
N VAL A 1978 -1.33 -6.67 -9.97
CA VAL A 1978 -1.84 -7.47 -8.86
C VAL A 1978 -2.15 -6.59 -7.65
N ALA A 1979 -1.31 -5.59 -7.38
CA ALA A 1979 -1.59 -4.65 -6.29
C ALA A 1979 -2.88 -3.89 -6.58
N ASP A 1980 -3.10 -3.51 -7.83
CA ASP A 1980 -4.35 -2.87 -8.21
C ASP A 1980 -5.54 -3.77 -7.90
N GLY A 1981 -5.42 -5.06 -8.24
CA GLY A 1981 -6.50 -5.99 -7.96
C GLY A 1981 -6.78 -6.15 -6.48
N LEU A 1982 -5.72 -6.29 -5.67
CA LEU A 1982 -5.90 -6.43 -4.22
C LEU A 1982 -6.53 -5.17 -3.63
N ARG A 1983 -6.07 -3.99 -4.06
CA ARG A 1983 -6.65 -2.75 -3.59
C ARG A 1983 -8.12 -2.66 -3.95
N TYR A 1984 -8.48 -3.06 -5.16
CA TYR A 1984 -9.90 -3.09 -5.53
C TYR A 1984 -10.68 -4.06 -4.65
N LEU A 1985 -10.13 -5.23 -4.39
CA LEU A 1985 -10.83 -6.23 -3.58
C LEU A 1985 -11.09 -5.68 -2.19
N HIS A 1986 -10.11 -5.00 -1.60
CA HIS A 1986 -10.32 -4.41 -0.28
C HIS A 1986 -11.23 -3.19 -0.32
N SER A 1987 -11.31 -2.50 -1.47
CA SER A 1987 -12.22 -1.36 -1.57
C SER A 1987 -13.66 -1.80 -1.38
N ALA A 1988 -14.02 -2.96 -1.94
CA ALA A 1988 -15.35 -3.52 -1.80
C ALA A 1988 -15.51 -4.36 -0.54
N MET A 1989 -14.62 -4.20 0.44
CA MET A 1989 -14.67 -4.93 1.70
C MET A 1989 -14.71 -6.43 1.46
N ILE A 1990 -13.96 -6.89 0.46
CA ILE A 1990 -13.84 -8.30 0.13
C ILE A 1990 -12.41 -8.72 0.44
N ILE A 1991 -12.26 -9.84 1.14
CA ILE A 1991 -10.96 -10.30 1.60
C ILE A 1991 -10.56 -11.51 0.77
N TYR A 1992 -9.43 -11.39 0.09
CA TYR A 1992 -8.85 -12.54 -0.59
C TYR A 1992 -8.23 -13.49 0.43
N ARG A 1993 -8.34 -14.78 0.17
CA ARG A 1993 -7.87 -15.77 1.15
C ARG A 1993 -6.36 -15.75 1.26
N ASP A 1994 -5.67 -16.12 0.18
CA ASP A 1994 -4.21 -16.10 0.17
C ASP A 1994 -3.75 -15.85 -1.25
N LEU A 1995 -3.18 -14.68 -1.50
CA LEU A 1995 -2.71 -14.32 -2.81
C LEU A 1995 -1.43 -15.07 -3.11
N LYS A 1996 -1.46 -15.89 -4.15
CA LYS A 1996 -0.35 -16.75 -4.53
C LYS A 1996 0.00 -16.53 -5.98
N PRO A 1997 1.22 -16.90 -6.40
CA PRO A 1997 1.54 -16.82 -7.83
C PRO A 1997 0.63 -17.67 -8.69
N HIS A 1998 0.14 -18.79 -8.15
CA HIS A 1998 -0.79 -19.64 -8.90
C HIS A 1998 -2.06 -18.90 -9.28
N ASN A 1999 -2.41 -17.85 -8.54
CA ASN A 1999 -3.60 -17.07 -8.81
C ASN A 1999 -3.33 -15.89 -9.73
N VAL A 2000 -2.17 -15.87 -10.39
CA VAL A 2000 -1.80 -14.78 -11.27
C VAL A 2000 -1.67 -15.34 -12.68
N LEU A 2001 -2.60 -14.94 -13.56
CA LEU A 2001 -2.63 -15.39 -14.95
C LEU A 2001 -2.04 -14.31 -15.84
N LEU A 2002 -1.14 -14.71 -16.73
CA LEU A 2002 -0.46 -13.80 -17.64
C LEU A 2002 -1.09 -13.92 -19.02
N PHE A 2003 -1.60 -12.82 -19.54
CA PHE A 2003 -2.17 -12.80 -20.88
C PHE A 2003 -1.17 -12.35 -21.93
N THR A 2004 -0.54 -11.20 -21.71
CA THR A 2004 0.42 -10.63 -22.64
C THR A 2004 1.77 -10.49 -21.97
N LEU A 2005 2.83 -10.81 -22.70
CA LEU A 2005 4.19 -10.59 -22.24
C LEU A 2005 4.79 -9.32 -22.84
N TYR A 2006 3.98 -8.53 -23.52
CA TYR A 2006 4.43 -7.24 -24.03
C TYR A 2006 4.41 -6.21 -22.91
N PRO A 2007 5.55 -5.62 -22.55
CA PRO A 2007 5.61 -4.80 -21.33
C PRO A 2007 4.75 -3.54 -21.38
N ASN A 2008 4.39 -3.06 -22.56
CA ASN A 2008 3.60 -1.83 -22.66
C ASN A 2008 2.10 -2.10 -22.79
N ALA A 2009 1.67 -3.36 -22.76
CA ALA A 2009 0.26 -3.68 -22.82
C ALA A 2009 -0.45 -3.19 -21.57
N ALA A 2010 -1.72 -2.78 -21.75
CA ALA A 2010 -2.47 -2.22 -20.64
C ALA A 2010 -2.68 -3.24 -19.51
N ILE A 2011 -2.99 -4.48 -19.87
CA ILE A 2011 -3.24 -5.54 -18.89
C ILE A 2011 -2.28 -6.69 -19.17
N ILE A 2012 -1.60 -7.16 -18.13
CA ILE A 2012 -0.66 -8.27 -18.22
C ILE A 2012 -1.04 -9.41 -17.30
N ALA A 2013 -1.32 -9.10 -16.03
CA ALA A 2013 -1.62 -10.10 -15.03
C ALA A 2013 -3.04 -9.92 -14.50
N LYS A 2014 -3.66 -11.05 -14.13
CA LYS A 2014 -5.00 -11.06 -13.57
C LYS A 2014 -5.03 -12.02 -12.38
N ILE A 2015 -5.99 -11.82 -11.49
CA ILE A 2015 -6.15 -12.66 -10.29
C ILE A 2015 -7.30 -13.62 -10.49
N ALA A 2016 -7.09 -14.87 -10.12
CA ALA A 2016 -8.11 -15.90 -10.24
C ALA A 2016 -8.22 -16.70 -8.94
N ASP A 2017 -9.39 -17.27 -8.72
CA ASP A 2017 -9.68 -18.07 -7.54
C ASP A 2017 -10.49 -19.29 -7.99
N TYR A 2018 -9.79 -20.39 -8.20
CA TYR A 2018 -10.45 -21.61 -8.70
C TYR A 2018 -10.99 -22.43 -7.51
N GLY A 2019 -11.91 -21.89 -6.71
CA GLY A 2019 -12.55 -22.59 -5.62
C GLY A 2019 -11.58 -23.14 -4.59
N PRO A 2036 -1.22 -21.57 3.08
CA PRO A 2036 -0.06 -22.37 3.47
C PRO A 2036 1.17 -21.50 3.77
N GLY A 2037 2.15 -21.51 2.85
CA GLY A 2037 3.33 -20.70 3.04
C GLY A 2037 3.09 -19.21 2.85
N PHE A 2038 2.04 -18.85 2.10
CA PHE A 2038 1.69 -17.44 1.88
C PHE A 2038 0.69 -16.98 2.94
N ARG A 2039 1.11 -17.11 4.20
CA ARG A 2039 0.24 -16.86 5.34
C ARG A 2039 0.86 -15.84 6.27
N ALA A 2040 0.02 -14.93 6.78
CA ALA A 2040 0.46 -13.97 7.76
C ALA A 2040 0.74 -14.65 9.10
N PRO A 2041 1.59 -14.05 9.95
CA PRO A 2041 1.81 -14.64 11.27
C PRO A 2041 0.56 -14.74 12.11
N GLU A 2042 -0.37 -13.80 11.99
CA GLU A 2042 -1.58 -13.84 12.81
C GLU A 2042 -2.50 -14.98 12.41
N VAL A 2043 -2.47 -15.39 11.15
CA VAL A 2043 -3.34 -16.44 10.67
C VAL A 2043 -2.51 -17.65 10.24
N TYR A 2050 -9.80 -13.60 7.15
CA TYR A 2050 -8.76 -12.98 7.96
C TYR A 2050 -8.97 -11.48 8.04
N ASN A 2051 -7.91 -10.72 7.80
CA ASN A 2051 -7.98 -9.27 7.71
C ASN A 2051 -7.14 -8.82 6.54
N GLN A 2052 -7.37 -7.58 6.10
CA GLN A 2052 -6.64 -7.03 4.97
C GLN A 2052 -5.15 -6.88 5.25
N GLN A 2053 -4.76 -6.82 6.52
CA GLN A 2053 -3.34 -6.80 6.84
C GLN A 2053 -2.66 -8.10 6.43
N ALA A 2054 -3.35 -9.23 6.63
CA ALA A 2054 -2.83 -10.50 6.12
C ALA A 2054 -2.74 -10.49 4.61
N ASP A 2055 -3.67 -9.82 3.93
CA ASP A 2055 -3.60 -9.71 2.48
C ASP A 2055 -2.40 -8.88 2.04
N VAL A 2056 -2.10 -7.80 2.75
CA VAL A 2056 -0.92 -7.01 2.45
C VAL A 2056 0.34 -7.82 2.71
N TYR A 2057 0.33 -8.64 3.75
CA TYR A 2057 1.45 -9.55 4.00
C TYR A 2057 1.63 -10.54 2.84
N SER A 2058 0.51 -11.11 2.35
CA SER A 2058 0.58 -12.04 1.24
C SER A 2058 1.07 -11.35 -0.02
N PHE A 2059 0.65 -10.10 -0.26
CA PHE A 2059 1.15 -9.38 -1.42
C PHE A 2059 2.63 -9.07 -1.27
N GLY A 2060 3.08 -8.78 -0.06
CA GLY A 2060 4.51 -8.60 0.16
C GLY A 2060 5.30 -9.84 -0.18
N LEU A 2061 4.78 -11.00 0.21
CA LEU A 2061 5.42 -12.26 -0.17
C LEU A 2061 5.41 -12.47 -1.68
N LEU A 2062 4.28 -12.14 -2.33
CA LEU A 2062 4.19 -12.28 -3.78
C LEU A 2062 5.17 -11.36 -4.50
N LEU A 2063 5.30 -10.12 -4.03
CA LEU A 2063 6.27 -9.20 -4.62
C LEU A 2063 7.69 -9.64 -4.33
N TYR A 2064 7.93 -10.26 -3.17
CA TYR A 2064 9.21 -10.88 -2.89
C TYR A 2064 9.52 -11.97 -3.90
N ASP A 2065 8.52 -12.75 -4.28
CA ASP A 2065 8.69 -13.82 -5.27
C ASP A 2065 8.63 -13.32 -6.71
N ILE A 2066 8.21 -12.08 -6.95
CA ILE A 2066 8.29 -11.48 -8.27
C ILE A 2066 9.65 -10.84 -8.49
N LEU A 2067 10.09 -10.03 -7.52
CA LEU A 2067 11.43 -9.45 -7.58
C LEU A 2067 12.49 -10.53 -7.62
N THR A 2068 12.41 -11.48 -6.69
CA THR A 2068 13.21 -12.69 -6.76
C THR A 2068 12.43 -13.71 -7.56
N THR A 2069 12.83 -13.90 -8.83
CA THR A 2069 12.01 -14.67 -9.76
C THR A 2069 11.74 -16.08 -9.23
N GLY A 2070 12.78 -16.79 -8.82
CA GLY A 2070 12.58 -18.11 -8.25
C GLY A 2070 11.97 -18.01 -6.86
N GLY A 2071 12.75 -17.48 -5.92
CA GLY A 2071 12.22 -17.16 -4.61
C GLY A 2071 11.80 -18.37 -3.82
N ARG A 2072 10.74 -18.18 -3.03
CA ARG A 2072 10.26 -19.20 -2.09
C ARG A 2072 9.41 -20.28 -2.75
N ILE A 2073 9.00 -20.09 -4.01
CA ILE A 2073 8.15 -21.07 -4.68
C ILE A 2073 8.95 -22.22 -5.27
N VAL A 2074 10.29 -22.19 -5.17
CA VAL A 2074 11.14 -23.28 -5.63
C VAL A 2074 11.91 -23.91 -4.49
N GLU A 2075 12.40 -23.12 -3.54
CA GLU A 2075 13.14 -23.59 -2.38
C GLU A 2075 14.35 -24.45 -2.77
N LYS A 2091 10.72 -12.14 8.50
CA LYS A 2091 11.61 -13.25 8.83
C LYS A 2091 12.39 -13.69 7.60
N LEU A 2092 11.95 -13.25 6.43
CA LEU A 2092 12.61 -13.63 5.20
C LEU A 2092 13.97 -12.95 5.07
N PRO A 2093 14.91 -13.58 4.38
CA PRO A 2093 16.19 -12.92 4.12
C PRO A 2093 16.05 -11.82 3.08
N ASP A 2094 17.09 -11.01 2.97
CA ASP A 2094 17.07 -9.92 2.00
C ASP A 2094 17.07 -10.49 0.59
N PRO A 2095 16.11 -10.08 -0.26
CA PRO A 2095 16.01 -10.71 -1.59
C PRO A 2095 17.25 -10.55 -2.46
N VAL A 2096 17.91 -9.39 -2.40
CA VAL A 2096 19.05 -9.14 -3.29
C VAL A 2096 20.35 -9.76 -2.78
N LYS A 2097 20.31 -10.44 -1.64
CA LYS A 2097 21.48 -11.10 -1.09
C LYS A 2097 21.32 -12.61 -1.01
N GLU A 2098 20.14 -13.09 -0.61
CA GLU A 2098 19.90 -14.53 -0.52
C GLU A 2098 19.95 -15.17 -1.90
N TYR A 2099 19.38 -14.52 -2.91
CA TYR A 2099 19.24 -15.11 -4.24
C TYR A 2099 20.09 -14.42 -5.29
N GLY A 2100 20.70 -13.28 -4.98
CA GLY A 2100 21.60 -12.63 -5.93
C GLY A 2100 20.93 -11.99 -7.12
N CYS A 2101 19.65 -11.60 -6.98
CA CYS A 2101 18.98 -10.91 -8.06
C CYS A 2101 19.49 -9.49 -8.20
N ALA A 2102 19.16 -8.86 -9.32
CA ALA A 2102 19.59 -7.49 -9.56
C ALA A 2102 18.93 -6.56 -8.55
N PRO A 2103 19.69 -5.67 -7.90
CA PRO A 2103 19.10 -4.85 -6.83
C PRO A 2103 17.97 -3.97 -7.33
N TRP A 2104 16.94 -3.85 -6.50
CA TRP A 2104 15.77 -3.00 -6.80
C TRP A 2104 15.42 -2.20 -5.56
N PRO A 2105 16.10 -1.08 -5.34
CA PRO A 2105 15.70 -0.19 -4.23
C PRO A 2105 14.31 0.35 -4.45
N MET A 2106 13.65 0.68 -3.33
CA MET A 2106 12.27 1.15 -3.23
C MET A 2106 11.25 0.04 -3.44
N VAL A 2107 11.68 -1.17 -3.77
CA VAL A 2107 10.82 -2.35 -3.74
C VAL A 2107 11.14 -3.23 -2.55
N GLU A 2108 12.42 -3.38 -2.22
CA GLU A 2108 12.79 -4.11 -1.02
C GLU A 2108 12.28 -3.43 0.23
N LYS A 2109 12.28 -2.09 0.24
CA LYS A 2109 11.68 -1.36 1.35
C LYS A 2109 10.19 -1.64 1.45
N LEU A 2110 9.50 -1.69 0.32
CA LEU A 2110 8.07 -1.99 0.31
C LEU A 2110 7.82 -3.41 0.84
N ILE A 2111 8.66 -4.36 0.44
CA ILE A 2111 8.53 -5.73 0.95
C ILE A 2111 8.75 -5.74 2.46
N LYS A 2112 9.77 -5.03 2.93
CA LYS A 2112 10.05 -5.00 4.37
C LYS A 2112 8.89 -4.41 5.16
N GLN A 2113 8.30 -3.34 4.66
CA GLN A 2113 7.22 -2.72 5.42
C GLN A 2113 5.90 -3.49 5.28
N CYS A 2114 5.71 -4.22 4.19
CA CYS A 2114 4.51 -5.04 4.06
C CYS A 2114 4.58 -6.27 4.96
N LEU A 2115 5.78 -6.86 5.10
CA LEU A 2115 5.98 -8.04 5.91
C LEU A 2115 6.25 -7.72 7.38
N LYS A 2116 5.84 -6.54 7.84
CA LYS A 2116 5.97 -6.20 9.25
C LYS A 2116 5.08 -7.11 10.09
N GLU A 2117 5.62 -7.58 11.21
CA GLU A 2117 4.89 -8.53 12.05
C GLU A 2117 3.67 -7.89 12.68
N ASN A 2118 3.74 -6.61 13.01
CA ASN A 2118 2.60 -5.92 13.60
C ASN A 2118 1.58 -5.60 12.52
N PRO A 2119 0.35 -6.11 12.62
CA PRO A 2119 -0.64 -5.79 11.59
C PRO A 2119 -1.01 -4.32 11.51
N GLN A 2120 -0.72 -3.55 12.56
CA GLN A 2120 -1.01 -2.12 12.51
C GLN A 2120 0.07 -1.33 11.77
N GLU A 2121 1.23 -1.92 11.53
CA GLU A 2121 2.32 -1.23 10.86
C GLU A 2121 2.44 -1.57 9.39
N ARG A 2122 1.72 -2.59 8.92
CA ARG A 2122 1.69 -2.88 7.50
C ARG A 2122 0.92 -1.79 6.76
N PRO A 2123 1.44 -1.31 5.63
CA PRO A 2123 0.71 -0.30 4.86
C PRO A 2123 -0.57 -0.88 4.27
N THR A 2124 -1.56 -0.02 4.07
CA THR A 2124 -2.77 -0.44 3.41
C THR A 2124 -2.49 -0.72 1.94
N SER A 2125 -3.35 -1.56 1.34
CA SER A 2125 -3.14 -1.95 -0.05
C SER A 2125 -3.15 -0.76 -0.99
N ALA A 2126 -3.95 0.25 -0.68
CA ALA A 2126 -3.91 1.48 -1.49
C ALA A 2126 -2.53 2.11 -1.41
N GLN A 2127 -1.97 2.20 -0.20
CA GLN A 2127 -0.63 2.77 -0.03
C GLN A 2127 0.43 1.90 -0.70
N VAL A 2128 0.26 0.58 -0.66
CA VAL A 2128 1.20 -0.31 -1.33
C VAL A 2128 1.20 -0.06 -2.84
N PHE A 2129 0.00 0.08 -3.42
CA PHE A 2129 -0.08 0.38 -4.85
C PHE A 2129 0.53 1.75 -5.16
N ASP A 2130 0.27 2.75 -4.32
CA ASP A 2130 0.87 4.06 -4.56
C ASP A 2130 2.38 4.00 -4.50
N ILE A 2131 2.93 3.17 -3.62
CA ILE A 2131 4.37 2.98 -3.58
C ILE A 2131 4.85 2.30 -4.86
N LEU A 2132 4.08 1.32 -5.35
CA LEU A 2132 4.44 0.69 -6.63
C LEU A 2132 4.21 1.63 -7.79
N ASN A 2133 3.17 2.46 -7.73
CA ASN A 2133 2.91 3.47 -8.76
C ASN A 2133 3.89 4.62 -8.56
N SER A 2134 5.16 4.32 -8.78
CA SER A 2134 6.25 5.29 -8.60
C SER A 2134 7.12 5.31 -9.84
N ALA A 2135 7.37 6.51 -10.36
CA ALA A 2135 8.24 6.66 -11.52
C ALA A 2135 9.65 6.21 -11.20
N GLU A 2136 10.15 6.56 -10.00
CA GLU A 2136 11.51 6.26 -9.59
C GLU A 2136 11.69 4.83 -9.11
N LEU A 2137 10.61 4.07 -8.97
CA LEU A 2137 10.71 2.71 -8.46
C LEU A 2137 11.39 1.78 -9.46
N VAL A 2138 11.14 1.99 -10.76
CA VAL A 2138 11.67 1.10 -11.79
C VAL A 2138 13.11 1.45 -12.11
N CYS A 2139 13.40 2.72 -12.32
CA CYS A 2139 14.67 3.17 -12.84
C CYS A 2139 15.81 3.14 -11.83
N LEU A 2140 15.51 3.24 -10.54
CA LEU A 2140 16.56 3.35 -9.53
C LEU A 2140 17.28 2.02 -9.40
N THR A 2141 18.39 1.87 -10.14
CA THR A 2141 19.10 0.60 -10.16
C THR A 2141 19.85 0.36 -8.85
N ARG A 2142 20.59 1.36 -8.37
CA ARG A 2142 21.45 1.17 -7.21
C ARG A 2142 21.36 2.37 -6.27
N ARG A 2143 21.57 2.09 -4.99
CA ARG A 2143 21.65 3.13 -3.96
C ARG A 2143 22.70 2.70 -2.96
N ILE A 2144 23.79 3.46 -2.86
CA ILE A 2144 24.93 3.10 -2.03
C ILE A 2144 25.16 4.21 -1.02
N LEU A 2145 25.26 3.84 0.25
CA LEU A 2145 25.58 4.75 1.33
C LEU A 2145 27.02 4.53 1.76
N LEU A 2146 27.81 5.60 1.75
CA LEU A 2146 29.23 5.63 2.07
C LEU A 2146 29.44 5.75 3.57
N PRO A 2147 30.62 5.37 4.09
CA PRO A 2147 30.89 5.47 5.52
C PRO A 2147 30.48 6.80 6.13
N LYS A 2148 30.07 6.78 7.40
CA LYS A 2148 29.58 7.98 8.06
C LYS A 2148 30.69 9.02 8.17
N ASN A 2149 30.30 10.29 8.05
CA ASN A 2149 31.21 11.42 8.15
C ASN A 2149 32.31 11.34 7.10
N VAL A 2150 31.89 11.26 5.84
CA VAL A 2150 32.79 11.38 4.70
C VAL A 2150 32.20 12.42 3.76
N ILE A 2151 33.07 13.23 3.16
CA ILE A 2151 32.67 14.27 2.23
C ILE A 2151 33.39 14.03 0.91
N VAL A 2152 32.63 13.86 -0.17
CA VAL A 2152 33.17 13.64 -1.50
C VAL A 2152 32.76 14.80 -2.38
N GLU A 2153 33.73 15.42 -3.04
CA GLU A 2153 33.46 16.61 -3.84
C GLU A 2153 33.36 16.34 -5.33
N CYS A 2154 33.99 15.28 -5.82
CA CYS A 2154 34.01 15.01 -7.25
C CYS A 2154 34.20 13.52 -7.47
N MET A 2155 33.76 13.06 -8.64
CA MET A 2155 33.96 11.66 -9.01
C MET A 2155 34.13 11.54 -10.51
N VAL A 2156 34.69 10.39 -10.93
CA VAL A 2156 34.76 10.02 -12.34
C VAL A 2156 34.44 8.53 -12.43
N ALA A 2157 34.04 8.10 -13.63
CA ALA A 2157 33.62 6.73 -13.86
C ALA A 2157 34.55 6.07 -14.88
N THR A 2158 35.03 4.88 -14.55
CA THR A 2158 35.89 4.13 -15.45
C THR A 2158 35.05 3.39 -16.50
N HIS A 2159 35.63 3.23 -17.69
CA HIS A 2159 34.97 2.53 -18.77
C HIS A 2159 35.99 2.00 -19.78
N ALA A 2165 32.27 -2.16 -13.73
CA ALA A 2165 32.27 -0.71 -13.57
C ALA A 2165 32.88 -0.31 -12.24
N SER A 2166 33.30 0.95 -12.14
CA SER A 2166 33.90 1.47 -10.92
C SER A 2166 33.80 2.98 -10.94
N ILE A 2167 34.05 3.59 -9.77
CA ILE A 2167 34.00 5.04 -9.61
C ILE A 2167 35.21 5.46 -8.77
N TRP A 2168 35.85 6.55 -9.18
CA TRP A 2168 36.86 7.20 -8.37
C TRP A 2168 36.25 8.46 -7.76
N LEU A 2169 36.58 8.73 -6.50
CA LEU A 2169 35.97 9.82 -5.76
C LEU A 2169 37.05 10.63 -5.05
N GLY A 2170 36.80 11.93 -4.90
CA GLY A 2170 37.72 12.79 -4.18
C GLY A 2170 37.20 13.22 -2.83
N CYS A 2171 37.74 12.64 -1.76
CA CYS A 2171 37.24 12.88 -0.42
C CYS A 2171 37.69 14.24 0.08
N GLY A 2172 36.75 15.01 0.61
CA GLY A 2172 37.04 16.36 1.07
C GLY A 2172 36.54 16.66 2.47
N HIS A 2173 36.62 15.68 3.37
CA HIS A 2173 36.22 15.86 4.76
C HIS A 2173 37.38 16.26 5.65
N THR A 2174 38.55 16.55 5.07
CA THR A 2174 39.72 16.97 5.83
C THR A 2174 40.60 17.81 4.92
N ASP A 2175 41.79 18.14 5.40
CA ASP A 2175 42.76 18.93 4.64
C ASP A 2175 43.80 18.05 3.94
N ARG A 2176 43.54 16.75 3.82
CA ARG A 2176 44.41 15.85 3.11
C ARG A 2176 43.71 15.32 1.87
N GLY A 2177 44.48 15.08 0.82
CA GLY A 2177 43.92 14.62 -0.43
C GLY A 2177 43.73 13.12 -0.47
N GLN A 2178 42.49 12.69 -0.27
CA GLN A 2178 42.15 11.27 -0.23
C GLN A 2178 41.41 10.87 -1.50
N LEU A 2179 41.89 9.81 -2.15
CA LEU A 2179 41.28 9.27 -3.35
C LEU A 2179 40.61 7.95 -3.01
N SER A 2180 39.30 7.88 -3.25
CA SER A 2180 38.50 6.71 -2.92
C SER A 2180 38.13 5.95 -4.19
N PHE A 2181 37.94 4.66 -4.06
CA PHE A 2181 37.63 3.78 -5.18
C PHE A 2181 36.43 2.94 -4.80
N LEU A 2182 35.26 3.26 -5.36
CA LEU A 2182 34.02 2.56 -5.06
C LEU A 2182 33.64 1.67 -6.24
N ASP A 2183 33.57 0.37 -6.00
CA ASP A 2183 33.17 -0.58 -7.02
C ASP A 2183 31.65 -0.69 -7.03
N LEU A 2184 31.05 -0.45 -8.19
CA LEU A 2184 29.59 -0.44 -8.26
C LEU A 2184 28.99 -1.84 -8.17
N ASN A 2185 29.81 -2.89 -8.32
CA ASN A 2185 29.30 -4.26 -8.27
C ASN A 2185 29.30 -4.81 -6.85
N THR A 2186 30.44 -4.85 -6.20
CA THR A 2186 30.57 -5.40 -4.86
C THR A 2186 30.45 -4.36 -3.76
N GLU A 2187 30.27 -3.08 -4.12
CA GLU A 2187 30.18 -1.99 -3.15
C GLU A 2187 31.40 -1.96 -2.24
N GLY A 2188 32.57 -2.27 -2.81
CA GLY A 2188 33.80 -2.30 -2.06
C GLY A 2188 34.46 -0.94 -1.93
N TYR A 2189 33.91 -0.08 -1.08
CA TYR A 2189 34.45 1.26 -0.91
C TYR A 2189 35.81 1.22 -0.23
N THR A 2190 36.83 1.69 -0.93
CA THR A 2190 38.18 1.83 -0.38
C THR A 2190 38.62 3.28 -0.52
N SER A 2191 39.62 3.66 0.26
CA SER A 2191 40.15 5.01 0.20
C SER A 2191 41.60 5.00 0.66
N GLU A 2192 42.32 6.05 0.28
CA GLU A 2192 43.71 6.22 0.68
C GLU A 2192 44.10 7.68 0.51
N GLU A 2193 45.14 8.08 1.23
CA GLU A 2193 45.66 9.44 1.15
C GLU A 2193 46.78 9.48 0.11
N VAL A 2194 46.63 10.36 -0.88
CA VAL A 2194 47.58 10.41 -1.99
C VAL A 2194 48.13 11.82 -2.15
N ALA A 2195 47.39 12.82 -1.69
CA ALA A 2195 47.80 14.20 -1.85
C ALA A 2195 47.86 14.89 -0.50
N ASP A 2196 48.59 16.01 -0.46
CA ASP A 2196 48.70 16.81 0.75
C ASP A 2196 47.62 17.88 0.87
N SER A 2197 46.82 18.07 -0.18
CA SER A 2197 45.75 19.06 -0.16
C SER A 2197 44.50 18.45 -0.78
N ARG A 2198 43.35 19.03 -0.47
CA ARG A 2198 42.07 18.48 -0.87
C ARG A 2198 41.99 18.31 -2.38
N ILE A 2199 41.54 17.13 -2.82
CA ILE A 2199 41.38 16.85 -4.24
C ILE A 2199 40.11 17.52 -4.73
N LEU A 2200 40.24 18.34 -5.76
CA LEU A 2200 39.12 19.14 -6.26
C LEU A 2200 38.51 18.61 -7.55
N CYS A 2201 39.31 17.96 -8.41
CA CYS A 2201 38.76 17.48 -9.67
C CYS A 2201 39.45 16.19 -10.07
N LEU A 2202 38.77 15.42 -10.93
CA LEU A 2202 39.26 14.12 -11.37
C LEU A 2202 38.98 13.94 -12.86
N ALA A 2203 39.94 13.33 -13.56
CA ALA A 2203 39.76 13.02 -14.98
C ALA A 2203 40.45 11.69 -15.28
N LEU A 2204 40.11 11.12 -16.44
CA LEU A 2204 40.61 9.81 -16.84
C LEU A 2204 41.12 9.87 -18.27
N VAL A 2205 42.44 9.89 -18.43
CA VAL A 2205 43.08 9.88 -19.74
C VAL A 2205 43.14 8.44 -20.24
N HIS A 2206 42.72 8.23 -21.48
CA HIS A 2206 42.79 6.93 -22.14
C HIS A 2206 43.79 6.98 -23.29
N LEU A 2207 44.61 5.93 -23.39
CA LEU A 2207 45.60 5.77 -24.45
C LEU A 2207 45.43 4.39 -25.07
N PRO A 2208 44.55 4.25 -26.06
CA PRO A 2208 44.44 2.97 -26.77
C PRO A 2208 45.72 2.56 -27.47
N VAL A 2209 46.64 3.49 -27.72
CA VAL A 2209 47.87 3.16 -28.43
C VAL A 2209 48.68 2.13 -27.66
N GLU A 2210 48.81 2.32 -26.34
CA GLU A 2210 49.50 1.36 -25.48
C GLU A 2210 48.57 0.73 -24.46
N LYS A 2211 47.25 0.95 -24.59
CA LYS A 2211 46.26 0.42 -23.65
C LYS A 2211 46.57 0.87 -22.22
N GLU A 2212 46.49 2.18 -22.02
CA GLU A 2212 46.75 2.79 -20.73
C GLU A 2212 45.56 3.65 -20.31
N SER A 2213 45.39 3.81 -19.00
CA SER A 2213 44.35 4.68 -18.45
C SER A 2213 44.91 5.30 -17.18
N TRP A 2214 45.09 6.61 -17.18
CA TRP A 2214 45.65 7.34 -16.05
C TRP A 2214 44.61 8.28 -15.48
N ILE A 2215 44.35 8.18 -14.19
CA ILE A 2215 43.52 9.16 -13.51
C ILE A 2215 44.38 10.35 -13.11
N VAL A 2216 43.92 11.54 -13.46
CA VAL A 2216 44.59 12.78 -13.09
C VAL A 2216 43.74 13.46 -12.04
N SER A 2217 44.36 13.81 -10.91
CA SER A 2217 43.69 14.43 -9.78
C SER A 2217 44.21 15.86 -9.66
N GLY A 2218 43.28 16.82 -9.66
CA GLY A 2218 43.61 18.20 -9.47
C GLY A 2218 43.26 18.61 -8.05
N THR A 2219 44.27 19.11 -7.33
CA THR A 2219 44.22 19.38 -5.91
C THR A 2219 44.18 20.88 -5.64
N GLN A 2220 43.95 21.22 -4.37
CA GLN A 2220 43.87 22.63 -3.98
C GLN A 2220 45.22 23.31 -4.13
N SER A 2221 46.31 22.65 -3.76
CA SER A 2221 47.62 23.26 -3.85
C SER A 2221 48.09 23.49 -5.27
N GLY A 2222 47.40 22.91 -6.26
CA GLY A 2222 47.78 23.06 -7.65
C GLY A 2222 48.62 21.95 -8.22
N THR A 2223 48.58 20.76 -7.63
CA THR A 2223 49.38 19.64 -8.10
C THR A 2223 48.52 18.65 -8.85
N LEU A 2224 48.93 18.33 -10.08
CA LEU A 2224 48.26 17.31 -10.87
C LEU A 2224 48.88 15.96 -10.55
N LEU A 2225 48.14 15.10 -9.87
CA LEU A 2225 48.61 13.79 -9.47
C LEU A 2225 48.11 12.77 -10.49
N VAL A 2226 49.02 12.19 -11.26
CA VAL A 2226 48.68 11.20 -12.27
C VAL A 2226 48.96 9.83 -11.68
N ILE A 2227 47.94 8.97 -11.65
CA ILE A 2227 48.04 7.62 -11.12
C ILE A 2227 47.47 6.66 -12.14
N ASN A 2228 48.24 5.63 -12.49
CA ASN A 2228 47.72 4.61 -13.39
C ASN A 2228 46.57 3.87 -12.71
N THR A 2229 45.43 3.76 -13.41
CA THR A 2229 44.27 3.12 -12.81
C THR A 2229 44.49 1.64 -12.56
N GLU A 2230 45.51 1.04 -13.18
CA GLU A 2230 45.82 -0.36 -12.94
C GLU A 2230 46.42 -0.55 -11.55
N ASP A 2231 47.34 0.32 -11.16
CA ASP A 2231 47.98 0.22 -9.85
C ASP A 2231 48.37 1.61 -9.38
N GLY A 2232 48.21 1.83 -8.06
CA GLY A 2232 48.49 3.13 -7.48
C GLY A 2232 49.96 3.47 -7.31
N LYS A 2233 50.85 2.49 -7.50
CA LYS A 2233 52.28 2.75 -7.36
C LYS A 2233 52.80 3.59 -8.52
N LYS A 2234 52.40 3.26 -9.75
CA LYS A 2234 52.88 3.96 -10.94
C LYS A 2234 52.21 5.32 -10.99
N ARG A 2235 52.75 6.26 -10.22
CA ARG A 2235 52.18 7.60 -10.10
C ARG A 2235 53.29 8.63 -10.18
N HIS A 2236 52.91 9.83 -10.61
CA HIS A 2236 53.83 10.96 -10.71
C HIS A 2236 53.00 12.23 -10.72
N THR A 2237 53.64 13.36 -11.01
CA THR A 2237 52.98 14.65 -11.07
C THR A 2237 53.39 15.38 -12.34
N LEU A 2238 52.44 16.10 -12.92
CA LEU A 2238 52.71 16.94 -14.08
C LEU A 2238 53.27 18.29 -13.59
N GLU A 2239 53.34 19.26 -14.49
CA GLU A 2239 53.82 20.59 -14.11
C GLU A 2239 52.84 21.22 -13.13
N LYS A 2240 53.36 21.64 -11.97
CA LYS A 2240 52.50 22.22 -10.94
C LYS A 2240 51.91 23.54 -11.41
N MET A 2241 50.62 23.71 -11.19
CA MET A 2241 49.94 24.95 -11.57
C MET A 2241 50.17 26.02 -10.53
N THR A 2242 50.00 27.28 -10.96
CA THR A 2242 50.17 28.40 -10.05
C THR A 2242 49.11 28.38 -8.95
N ASP A 2243 47.88 28.03 -9.30
CA ASP A 2243 46.78 28.03 -8.33
C ASP A 2243 46.06 26.69 -8.31
N SER A 2244 44.92 26.64 -7.63
CA SER A 2244 44.18 25.39 -7.49
C SER A 2244 43.69 24.89 -8.84
N VAL A 2245 43.67 23.56 -8.98
CA VAL A 2245 43.15 22.91 -10.17
C VAL A 2245 41.69 22.58 -9.92
N THR A 2246 40.81 23.12 -10.76
CA THR A 2246 39.37 23.05 -10.52
C THR A 2246 38.58 22.27 -11.56
N CYS A 2247 39.17 21.93 -12.70
CA CYS A 2247 38.43 21.19 -13.72
C CYS A 2247 39.42 20.47 -14.63
N LEU A 2248 39.08 19.24 -14.98
CA LEU A 2248 39.90 18.43 -15.88
C LEU A 2248 39.00 17.73 -16.89
N TYR A 2249 39.40 17.77 -18.16
CA TYR A 2249 38.67 17.10 -19.22
C TYR A 2249 39.66 16.37 -20.12
N CYS A 2250 39.24 15.25 -20.68
CA CYS A 2250 40.11 14.39 -21.47
C CYS A 2250 39.59 14.32 -22.90
N ASN A 2251 40.45 14.65 -23.86
CA ASN A 2251 40.05 14.71 -25.26
C ASN A 2251 40.77 13.64 -26.08
N LEU A 2263 44.31 15.92 -22.75
CA LEU A 2263 44.06 16.29 -21.36
C LEU A 2263 44.07 17.80 -21.18
N LEU A 2264 42.95 18.36 -20.77
CA LEU A 2264 42.82 19.79 -20.52
C LEU A 2264 42.76 20.04 -19.02
N VAL A 2265 43.56 20.97 -18.53
CA VAL A 2265 43.62 21.30 -17.12
C VAL A 2265 43.15 22.74 -16.95
N GLY A 2266 42.11 22.93 -16.12
CA GLY A 2266 41.63 24.25 -15.75
C GLY A 2266 42.02 24.56 -14.33
N THR A 2267 42.62 25.72 -14.13
CA THR A 2267 43.12 26.14 -12.82
C THR A 2267 42.19 27.18 -12.23
N ALA A 2268 42.58 27.70 -11.06
CA ALA A 2268 41.82 28.74 -10.40
C ALA A 2268 42.14 30.13 -10.93
N ASP A 2269 43.16 30.26 -11.76
CA ASP A 2269 43.50 31.53 -12.39
C ASP A 2269 43.14 31.57 -13.87
N GLY A 2270 42.35 30.61 -14.34
CA GLY A 2270 41.93 30.57 -15.72
C GLY A 2270 42.98 30.08 -16.71
N LYS A 2271 44.10 29.58 -16.22
CA LYS A 2271 45.20 29.17 -17.10
C LYS A 2271 44.91 27.75 -17.61
N LEU A 2272 44.19 27.67 -18.72
CA LEU A 2272 43.90 26.39 -19.34
C LEU A 2272 45.17 25.83 -19.97
N ALA A 2273 45.67 24.73 -19.43
CA ALA A 2273 46.88 24.09 -19.93
C ALA A 2273 46.51 22.87 -20.76
N ILE A 2274 47.02 22.82 -21.98
CA ILE A 2274 46.72 21.72 -22.90
C ILE A 2274 47.81 20.67 -22.77
N PHE A 2275 47.43 19.44 -22.47
CA PHE A 2275 48.34 18.32 -22.38
C PHE A 2275 47.97 17.29 -23.43
N GLU A 2276 48.96 16.83 -24.19
CA GLU A 2276 48.71 15.72 -25.12
C GLU A 2276 48.44 14.45 -24.33
N ASP A 2277 47.52 13.64 -24.85
CA ASP A 2277 47.11 12.44 -24.12
C ASP A 2277 48.29 11.49 -23.91
N LYS A 2278 49.24 11.45 -24.84
CA LYS A 2278 50.39 10.57 -24.71
C LYS A 2278 51.46 11.12 -23.78
N THR A 2279 51.43 12.41 -23.46
CA THR A 2279 52.37 13.00 -22.52
C THR A 2279 51.84 13.08 -21.10
N VAL A 2280 50.62 12.57 -20.86
CA VAL A 2280 50.11 12.48 -19.49
C VAL A 2280 50.99 11.55 -18.68
N LYS A 2281 51.46 10.47 -19.29
CA LYS A 2281 52.37 9.55 -18.62
C LYS A 2281 53.76 10.12 -18.39
N LEU A 2282 54.07 11.27 -18.97
CA LEU A 2282 55.40 11.86 -18.84
C LEU A 2282 55.48 12.60 -17.51
N LYS A 2283 56.42 12.21 -16.67
CA LYS A 2283 56.56 12.81 -15.34
C LYS A 2283 57.02 14.26 -15.46
N GLY A 2284 56.39 15.13 -14.70
CA GLY A 2284 56.70 16.56 -14.78
C GLY A 2284 56.42 17.16 -16.14
N ALA A 2285 55.39 16.67 -16.84
CA ALA A 2285 55.13 17.11 -18.20
C ALA A 2285 54.72 18.57 -18.23
N ALA A 2286 55.27 19.31 -19.15
CA ALA A 2286 54.83 20.68 -19.32
C ALA A 2286 53.80 20.75 -20.44
N PRO A 2287 52.79 21.60 -20.30
CA PRO A 2287 51.78 21.72 -21.36
C PRO A 2287 52.40 22.29 -22.63
N LEU A 2288 51.86 21.84 -23.77
CA LEU A 2288 52.33 22.37 -25.05
C LEU A 2288 51.97 23.84 -25.18
N LYS A 2289 50.80 24.24 -24.71
CA LYS A 2289 50.38 25.64 -24.74
C LYS A 2289 49.42 25.88 -23.60
N ILE A 2290 49.30 27.15 -23.20
CA ILE A 2290 48.36 27.58 -22.17
C ILE A 2290 47.60 28.79 -22.69
N LEU A 2291 46.26 28.71 -22.64
CA LEU A 2291 45.44 29.82 -23.11
C LEU A 2291 45.66 31.07 -22.27
N ASN A 2292 45.75 30.91 -20.95
CA ASN A 2292 45.89 32.03 -20.01
C ASN A 2292 44.72 33.01 -20.17
N ILE A 2293 43.50 32.49 -20.01
CA ILE A 2293 42.28 33.26 -20.20
C ILE A 2293 41.70 33.58 -18.83
N GLY A 2294 41.48 34.87 -18.56
CA GLY A 2294 40.90 35.31 -17.31
C GLY A 2294 41.92 36.05 -16.45
N ASN A 2295 41.72 35.96 -15.14
CA ASN A 2295 42.60 36.61 -14.18
C ASN A 2295 42.54 35.83 -12.87
N VAL A 2296 43.16 36.37 -11.84
CA VAL A 2296 43.20 35.71 -10.53
C VAL A 2296 41.87 35.88 -9.82
N THR A 2298 39.45 34.49 -11.30
CA THR A 2298 38.64 33.95 -12.37
C THR A 2298 39.03 32.52 -12.67
N PRO A 2299 38.40 31.57 -11.97
CA PRO A 2299 38.74 30.16 -12.16
C PRO A 2299 38.07 29.56 -13.38
N LEU A 2300 38.85 28.78 -14.14
CA LEU A 2300 38.35 28.03 -15.28
C LEU A 2300 37.85 26.70 -14.76
N MET A 2301 36.52 26.52 -14.78
CA MET A 2301 35.92 25.36 -14.13
C MET A 2301 35.04 24.51 -15.03
N CYS A 2302 34.79 24.90 -16.29
CA CYS A 2302 33.98 24.06 -17.16
C CYS A 2302 34.67 23.82 -18.48
N LEU A 2303 34.61 22.56 -18.94
CA LEU A 2303 35.17 22.16 -20.23
C LEU A 2303 34.30 21.06 -20.80
N SER A 2304 33.73 21.29 -21.98
CA SER A 2304 32.87 20.30 -22.64
C SER A 2304 33.22 20.23 -24.12
N GLU A 2305 32.91 19.09 -24.71
CA GLU A 2305 33.16 18.84 -26.12
C GLU A 2305 32.08 19.50 -26.96
N SER A 2306 32.03 19.16 -28.25
CA SER A 2306 31.00 19.66 -29.16
C SER A 2306 30.97 21.19 -29.22
N VAL A 2314 35.63 21.54 -32.47
CA VAL A 2314 35.58 22.72 -31.62
C VAL A 2314 34.88 22.39 -30.30
N MET A 2315 35.49 22.78 -29.19
CA MET A 2315 34.93 22.50 -27.87
C MET A 2315 34.95 23.76 -27.02
N TRP A 2316 34.06 23.78 -26.03
CA TRP A 2316 33.74 24.99 -25.30
C TRP A 2316 34.06 24.83 -23.83
N GLY A 2317 33.99 25.95 -23.12
CA GLY A 2317 34.29 25.95 -21.69
C GLY A 2317 33.83 27.24 -21.05
N GLY A 2318 33.92 27.25 -19.72
CA GLY A 2318 33.47 28.38 -18.94
C GLY A 2318 34.37 28.71 -17.76
N CYS A 2319 34.70 30.00 -17.63
CA CYS A 2319 35.56 30.49 -16.56
C CYS A 2319 35.00 31.79 -16.02
N GLY A 2320 34.89 31.91 -14.71
CA GLY A 2320 34.39 33.12 -14.09
C GLY A 2320 32.96 33.43 -14.51
N THR A 2321 32.79 34.48 -15.30
CA THR A 2321 31.50 34.83 -15.89
C THR A 2321 31.55 34.85 -17.41
N LYS A 2322 32.55 34.20 -17.99
CA LYS A 2322 32.76 34.20 -19.43
C LYS A 2322 32.72 32.77 -19.97
N ILE A 2323 32.23 32.65 -21.20
CA ILE A 2323 32.24 31.40 -21.93
C ILE A 2323 33.22 31.54 -23.08
N PHE A 2324 34.07 30.55 -23.27
CA PHE A 2324 35.04 30.56 -24.34
C PHE A 2324 34.85 29.33 -25.21
N SER A 2325 35.26 29.43 -26.46
CA SER A 2325 35.28 28.31 -27.37
C SER A 2325 36.63 28.24 -28.07
N PHE A 2326 37.05 27.04 -28.45
CA PHE A 2326 38.33 26.93 -29.15
C PHE A 2326 38.35 25.64 -29.96
N SER A 2327 39.15 25.66 -31.02
CA SER A 2327 39.27 24.57 -31.97
C SER A 2327 40.57 23.79 -31.71
N ASN A 2328 40.88 22.86 -32.62
CA ASN A 2328 42.06 22.02 -32.47
C ASN A 2328 43.37 22.81 -32.48
N ASP A 2329 43.34 24.04 -32.99
CA ASP A 2329 44.50 24.92 -32.94
C ASP A 2329 44.73 25.56 -31.57
N PHE A 2330 43.76 25.49 -30.66
CA PHE A 2330 43.92 25.88 -29.26
C PHE A 2330 44.19 27.38 -29.10
N THR A 2331 43.29 28.20 -29.65
CA THR A 2331 43.23 29.62 -29.29
C THR A 2331 41.78 30.06 -29.21
N ILE A 2332 41.56 31.15 -28.49
CA ILE A 2332 40.22 31.70 -28.28
C ILE A 2332 39.55 31.98 -29.61
N GLN A 2333 38.44 31.31 -29.88
CA GLN A 2333 37.64 31.56 -31.07
C GLN A 2333 36.43 32.45 -30.78
N LYS A 2334 35.66 32.13 -29.74
CA LYS A 2334 34.52 32.91 -29.33
C LYS A 2334 34.60 33.19 -27.85
N LEU A 2335 34.33 34.43 -27.46
CA LEU A 2335 34.22 34.82 -26.06
C LEU A 2335 32.87 35.49 -25.84
N ILE A 2336 32.17 35.04 -24.81
CA ILE A 2336 30.82 35.49 -24.48
C ILE A 2336 30.81 35.92 -23.02
N GLU A 2337 30.20 37.06 -22.74
CA GLU A 2337 30.11 37.58 -21.38
C GLU A 2337 28.73 37.24 -20.82
N THR A 2338 28.70 36.50 -19.71
CA THR A 2338 27.46 36.02 -19.12
C THR A 2338 26.92 36.92 -18.02
N ARG A 2339 27.56 38.06 -17.76
CA ARG A 2339 26.99 39.03 -16.84
C ARG A 2339 26.00 39.97 -17.52
N THR A 2340 25.80 39.84 -18.84
CA THR A 2340 24.76 40.62 -19.50
C THR A 2340 23.37 40.10 -19.17
N SER A 2341 23.27 38.89 -18.63
CA SER A 2341 21.98 38.32 -18.23
C SER A 2341 21.67 38.60 -16.77
N GLN A 2342 21.74 39.89 -16.39
CA GLN A 2342 21.38 40.31 -15.04
C GLN A 2342 19.96 40.85 -14.95
N LEU A 2343 19.28 41.05 -16.08
CA LEU A 2343 17.89 41.47 -16.08
C LEU A 2343 16.93 40.30 -15.95
N PHE A 2344 17.42 39.06 -16.10
CA PHE A 2344 16.60 37.86 -15.91
C PHE A 2344 16.77 37.25 -14.53
N SER A 2345 17.98 37.29 -13.97
CA SER A 2345 18.23 36.90 -12.60
C SER A 2345 19.16 37.94 -12.00
N TYR A 2346 18.92 38.31 -10.74
CA TYR A 2346 19.67 39.43 -10.18
C TYR A 2346 21.13 39.05 -9.97
N ALA A 2347 21.94 40.08 -9.68
CA ALA A 2347 23.39 39.95 -9.69
C ALA A 2347 23.93 39.00 -8.63
N ALA A 2348 23.10 38.60 -7.66
CA ALA A 2348 23.56 37.65 -6.66
C ALA A 2348 23.88 36.29 -7.29
N PHE A 2349 23.28 35.98 -8.43
CA PHE A 2349 23.45 34.70 -9.10
C PHE A 2349 24.33 34.78 -10.35
N SER A 2350 24.10 35.77 -11.20
CA SER A 2350 24.87 35.87 -12.45
C SER A 2350 26.35 36.11 -12.17
N ASP A 2351 26.66 36.98 -11.22
CA ASP A 2351 28.06 37.32 -10.90
C ASP A 2351 28.79 36.21 -10.18
N SER A 2352 28.20 35.04 -9.99
CA SER A 2352 28.89 33.92 -9.38
C SER A 2352 29.73 33.18 -10.43
N ASN A 2353 30.55 32.24 -9.95
CA ASN A 2353 31.38 31.46 -10.83
C ASN A 2353 30.53 30.50 -11.67
N ILE A 2354 31.10 30.06 -12.80
CA ILE A 2354 30.44 29.12 -13.69
C ILE A 2354 30.92 27.72 -13.37
N ILE A 2355 29.99 26.83 -13.05
CA ILE A 2355 30.35 25.50 -12.55
C ILE A 2355 29.97 24.37 -13.49
N THR A 2356 29.08 24.57 -14.47
CA THR A 2356 28.72 23.47 -15.35
C THR A 2356 28.38 23.98 -16.74
N VAL A 2357 28.81 23.24 -17.76
CA VAL A 2357 28.52 23.54 -19.17
C VAL A 2357 28.18 22.24 -19.89
N VAL A 2358 27.07 22.23 -20.64
CA VAL A 2358 26.69 21.12 -21.50
C VAL A 2358 26.20 21.68 -22.82
N VAL A 2359 26.19 20.83 -23.86
CA VAL A 2359 25.91 21.31 -25.21
C VAL A 2359 25.27 20.22 -26.06
N ASP A 2360 24.11 20.53 -26.64
CA ASP A 2360 23.60 19.85 -27.83
C ASP A 2360 23.47 20.80 -29.01
N THR A 2361 22.69 21.86 -28.87
CA THR A 2361 22.62 22.93 -29.85
C THR A 2361 22.76 24.32 -29.24
N ALA A 2362 22.49 24.47 -27.95
CA ALA A 2362 22.79 25.69 -27.22
C ALA A 2362 23.48 25.30 -25.92
N LEU A 2363 24.37 26.17 -25.44
CA LEU A 2363 25.14 25.91 -24.24
C LEU A 2363 24.25 26.09 -23.02
N TYR A 2364 23.98 24.99 -22.31
CA TYR A 2364 23.25 25.03 -21.05
C TYR A 2364 24.28 25.14 -19.93
N ILE A 2365 24.22 26.22 -19.17
CA ILE A 2365 25.29 26.62 -18.28
C ILE A 2365 24.71 26.93 -16.90
N ALA A 2366 25.41 26.45 -15.87
CA ALA A 2366 24.98 26.59 -14.49
C ALA A 2366 26.10 27.20 -13.66
N LYS A 2367 25.71 28.11 -12.77
CA LYS A 2367 26.64 28.91 -11.97
C LYS A 2367 26.54 28.54 -10.49
N GLN A 2368 27.58 28.91 -9.75
CA GLN A 2368 27.70 28.52 -8.35
C GLN A 2368 26.66 29.20 -7.48
N ASN A 2369 26.07 28.42 -6.58
CA ASN A 2369 25.09 28.91 -5.62
C ASN A 2369 23.98 29.70 -6.30
N SER A 2370 23.46 29.14 -7.40
CA SER A 2370 22.43 29.79 -8.18
C SER A 2370 21.40 28.77 -8.62
N PRO A 2371 20.14 28.92 -8.20
CA PRO A 2371 19.07 28.01 -8.66
C PRO A 2371 18.60 28.24 -10.09
N VAL A 2372 19.27 29.10 -10.85
CA VAL A 2372 18.86 29.43 -12.21
C VAL A 2372 19.91 28.90 -13.18
N VAL A 2373 19.46 28.16 -14.18
CA VAL A 2373 20.32 27.62 -15.23
C VAL A 2373 20.03 28.38 -16.51
N GLU A 2374 21.07 28.89 -17.14
CA GLU A 2374 20.92 29.71 -18.33
C GLU A 2374 21.23 28.92 -19.60
N VAL A 2375 20.69 29.43 -20.71
CA VAL A 2375 20.89 28.84 -22.03
C VAL A 2375 21.43 29.94 -22.95
N TRP A 2376 22.52 29.65 -23.64
CA TRP A 2376 23.14 30.62 -24.52
C TRP A 2376 23.31 30.02 -25.90
N ASP A 2377 22.78 30.68 -26.91
CA ASP A 2377 22.90 30.19 -28.28
C ASP A 2377 24.36 30.26 -28.72
N LYS A 2378 24.83 29.19 -29.37
CA LYS A 2378 26.21 29.10 -29.78
C LYS A 2378 26.58 30.05 -30.92
N LYS A 2379 25.60 30.70 -31.54
CA LYS A 2379 25.82 31.53 -32.71
C LYS A 2379 25.65 33.02 -32.42
N THR A 2380 24.50 33.43 -31.89
CA THR A 2380 24.26 34.83 -31.56
C THR A 2380 24.81 35.22 -30.20
N GLU A 2381 25.40 34.27 -29.47
CA GLU A 2381 26.06 34.54 -28.19
C GLU A 2381 25.11 35.16 -27.17
N LYS A 2382 23.87 34.68 -27.15
CA LYS A 2382 22.88 35.11 -26.18
C LYS A 2382 21.66 34.19 -26.19
N LEU A 2386 17.26 29.53 -19.44
CA LEU A 2386 16.64 30.37 -18.42
C LEU A 2386 15.72 29.52 -17.55
N ILE A 2387 16.28 28.47 -16.97
CA ILE A 2387 15.54 27.46 -16.22
C ILE A 2387 15.58 27.85 -14.75
N ASP A 2388 14.40 27.96 -14.13
CA ASP A 2388 14.28 28.30 -12.71
C ASP A 2388 13.94 27.03 -11.94
N CYS A 2389 14.87 26.57 -11.09
CA CYS A 2389 14.67 25.34 -10.35
C CYS A 2389 13.72 25.52 -9.17
N VAL A 2390 13.73 26.70 -8.54
CA VAL A 2390 12.82 26.96 -7.43
C VAL A 2390 11.37 26.87 -7.89
N HIS A 2391 11.10 27.35 -9.10
CA HIS A 2391 9.74 27.27 -9.65
C HIS A 2391 9.30 25.82 -9.79
N PHE A 2392 10.15 24.98 -10.36
CA PHE A 2392 9.81 23.57 -10.52
C PHE A 2392 9.62 22.89 -9.17
N LEU A 2393 10.49 23.20 -8.21
CA LEU A 2393 10.36 22.58 -6.89
C LEU A 2393 9.08 23.01 -6.18
N ARG A 2394 8.74 24.30 -6.27
CA ARG A 2394 7.52 24.79 -5.62
C ARG A 2394 6.28 24.20 -6.25
N GLU A 2395 6.24 24.13 -7.60
CA GLU A 2395 5.04 23.59 -8.25
C GLU A 2395 4.83 22.13 -7.89
N VAL A 2396 5.91 21.35 -7.85
CA VAL A 2396 5.80 19.93 -7.52
C VAL A 2396 6.66 19.60 -6.30
N TYR A 2410 15.09 21.17 0.50
CA TYR A 2410 14.57 22.25 -0.34
C TYR A 2410 15.46 23.48 -0.27
N SER A 2411 16.49 23.51 -1.11
CA SER A 2411 17.37 24.67 -1.22
C SER A 2411 17.34 25.31 -2.60
N GLY A 2412 17.14 24.54 -3.67
CA GLY A 2412 16.95 25.07 -4.99
C GLY A 2412 18.23 25.36 -5.76
N ARG A 2413 19.30 25.75 -5.08
CA ARG A 2413 20.52 26.15 -5.76
C ARG A 2413 21.07 24.99 -6.59
N VAL A 2414 21.41 25.28 -7.84
CA VAL A 2414 21.88 24.24 -8.76
C VAL A 2414 23.30 23.85 -8.38
N LYS A 2415 23.51 22.55 -8.19
CA LYS A 2415 24.84 22.03 -7.90
C LYS A 2415 25.48 21.29 -9.05
N THR A 2416 24.67 20.68 -9.94
CA THR A 2416 25.25 20.00 -11.08
C THR A 2416 24.22 19.90 -12.20
N LEU A 2417 24.73 19.74 -13.42
CA LEU A 2417 23.92 19.47 -14.60
C LEU A 2417 24.49 18.27 -15.33
N CYS A 2418 23.63 17.61 -16.09
CA CYS A 2418 24.10 16.59 -17.03
C CYS A 2418 23.13 16.49 -18.19
N LEU A 2419 23.59 15.84 -19.26
CA LEU A 2419 22.95 15.86 -20.55
C LEU A 2419 22.93 14.47 -21.14
N GLN A 2420 21.90 14.17 -21.93
CA GLN A 2420 21.79 12.88 -22.59
C GLN A 2420 21.28 13.04 -24.03
N ALA A 2424 17.97 14.58 -22.82
CA ALA A 2424 17.32 15.19 -21.66
C ALA A 2424 18.32 15.98 -20.84
N LEU A 2425 17.81 16.89 -20.02
CA LEU A 2425 18.63 17.69 -19.13
C LEU A 2425 18.31 17.32 -17.68
N TRP A 2426 19.33 16.95 -16.93
CA TRP A 2426 19.17 16.56 -15.54
C TRP A 2426 19.84 17.60 -14.67
N ILE A 2427 19.10 18.17 -13.73
CA ILE A 2427 19.56 19.27 -12.89
C ILE A 2427 19.54 18.79 -11.45
N GLY A 2428 20.71 18.61 -10.85
CA GLY A 2428 20.82 18.24 -9.45
C GLY A 2428 21.03 19.47 -8.59
N THR A 2429 20.04 19.75 -7.75
CA THR A 2429 20.03 20.91 -6.86
C THR A 2429 20.55 20.54 -5.48
N GLY A 2430 20.84 21.56 -4.69
CA GLY A 2430 21.50 21.35 -3.41
C GLY A 2430 20.65 20.66 -2.36
N GLY A 2431 19.33 20.65 -2.54
CA GLY A 2431 18.41 20.08 -1.58
C GLY A 2431 18.11 18.60 -1.75
N GLY A 2432 18.81 17.91 -2.66
CA GLY A 2432 18.55 16.51 -2.90
C GLY A 2432 17.64 16.21 -4.06
N HIS A 2433 17.07 17.23 -4.70
CA HIS A 2433 16.18 17.03 -5.83
C HIS A 2433 16.95 16.86 -7.12
N ILE A 2434 16.35 16.15 -8.07
CA ILE A 2434 16.91 15.96 -9.40
C ILE A 2434 15.81 16.29 -10.40
N LEU A 2435 15.78 17.52 -10.87
CA LEU A 2435 14.81 17.93 -11.87
C LEU A 2435 15.17 17.34 -13.23
N LEU A 2436 14.15 16.94 -13.97
CA LEU A 2436 14.31 16.34 -15.29
C LEU A 2436 13.58 17.21 -16.31
N LEU A 2437 14.25 17.52 -17.42
CA LEU A 2437 13.66 18.34 -18.46
C LEU A 2437 13.92 17.70 -19.82
N ASP A 2438 12.99 17.95 -20.74
CA ASP A 2438 13.18 17.58 -22.13
C ASP A 2438 14.02 18.63 -22.84
N LEU A 2439 14.65 18.23 -23.94
CA LEU A 2439 15.54 19.11 -24.70
C LEU A 2439 14.81 19.88 -25.79
N SER A 2440 13.49 19.85 -25.81
CA SER A 2440 12.70 20.55 -26.81
C SER A 2440 11.96 21.75 -26.25
N THR A 2441 11.14 21.56 -25.21
CA THR A 2441 10.38 22.65 -24.62
C THR A 2441 10.76 22.90 -23.16
N ARG A 2442 11.82 22.26 -22.66
CA ARG A 2442 12.25 22.41 -21.27
C ARG A 2442 11.12 22.08 -20.30
N ARG A 2443 10.33 21.07 -20.63
CA ARG A 2443 9.18 20.70 -19.82
C ARG A 2443 9.62 19.83 -18.65
N LEU A 2444 9.01 20.04 -17.49
CA LEU A 2444 9.35 19.27 -16.30
C LEU A 2444 8.74 17.88 -16.39
N ILE A 2445 9.56 16.85 -16.17
CA ILE A 2445 9.07 15.48 -16.17
C ILE A 2445 8.85 15.04 -14.73
N ARG A 2446 9.93 14.94 -13.96
CA ARG A 2446 9.89 14.55 -12.56
C ARG A 2446 10.93 15.32 -11.77
N VAL A 2447 10.59 15.63 -10.51
CA VAL A 2447 11.43 16.43 -9.64
C VAL A 2447 12.35 15.53 -8.83
N ILE A 2448 11.89 14.32 -8.52
CA ILE A 2448 12.67 13.33 -7.79
C ILE A 2448 13.27 13.91 -6.51
N CYS A 2452 18.52 10.81 0.76
CA CYS A 2452 19.58 11.79 0.90
C CYS A 2452 19.20 13.15 0.29
N ASN A 2453 19.38 14.21 1.09
CA ASN A 2453 18.82 15.53 0.81
C ASN A 2453 19.86 16.51 0.28
N SER A 2454 20.79 16.05 -0.53
CA SER A 2454 21.68 16.94 -1.24
C SER A 2454 22.14 16.27 -2.53
N VAL A 2455 22.60 17.09 -3.46
CA VAL A 2455 23.22 16.61 -4.70
C VAL A 2455 24.55 17.34 -4.87
N ARG A 2456 25.62 16.57 -5.02
CA ARG A 2456 26.94 17.15 -5.24
C ARG A 2456 27.36 17.09 -6.71
N VAL A 2457 27.17 15.95 -7.37
CA VAL A 2457 27.54 15.85 -8.78
C VAL A 2457 26.83 14.68 -9.46
N MET A 2458 26.29 14.91 -10.65
CA MET A 2458 25.66 13.84 -11.43
C MET A 2458 26.28 13.81 -12.83
N MET A 2459 26.37 12.60 -13.36
CA MET A 2459 27.03 12.38 -14.65
C MET A 2459 26.55 11.05 -15.22
N THR A 2460 27.02 10.74 -16.43
CA THR A 2460 26.68 9.52 -17.13
C THR A 2460 27.73 8.44 -16.86
N ALA A 2461 27.34 7.20 -17.12
CA ALA A 2461 28.25 6.07 -16.98
C ALA A 2461 27.68 4.89 -17.77
N GLN A 2462 28.48 3.84 -17.86
CA GLN A 2462 28.06 2.62 -18.56
C GLN A 2462 28.81 1.41 -18.05
N LYS A 2467 24.35 -0.72 -21.12
CA LYS A 2467 23.38 -0.16 -20.19
C LYS A 2467 23.83 1.20 -19.68
N ASN A 2468 23.43 2.25 -20.39
CA ASN A 2468 23.77 3.61 -19.98
C ASN A 2468 23.02 3.95 -18.69
N VAL A 2469 23.75 4.42 -17.68
CA VAL A 2469 23.18 4.76 -16.38
C VAL A 2469 23.64 6.16 -16.00
N MET A 2470 23.04 6.68 -14.93
CA MET A 2470 23.37 7.98 -14.39
C MET A 2470 23.78 7.84 -12.93
N LEU A 2471 24.89 8.47 -12.57
CA LEU A 2471 25.38 8.47 -11.20
C LEU A 2471 25.16 9.85 -10.59
N VAL A 2472 24.61 9.87 -9.37
CA VAL A 2472 24.36 11.10 -8.63
C VAL A 2472 24.99 10.96 -7.24
N LEU A 2473 25.73 11.98 -6.82
CA LEU A 2473 26.35 11.98 -5.51
C LEU A 2473 25.85 13.19 -4.71
N GLY A 2474 25.44 12.92 -3.48
CA GLY A 2474 24.94 13.94 -2.57
C GLY A 2474 25.26 13.66 -1.11
N TYR A 2475 24.71 14.46 -0.20
CA TYR A 2475 25.06 14.38 1.22
C TYR A 2475 23.81 14.28 2.07
N ASN A 2476 23.99 13.74 3.26
CA ASN A 2476 22.97 13.70 4.30
C ASN A 2476 23.41 14.57 5.47
N ILE A 2489 27.44 14.22 8.23
CA ILE A 2489 27.23 14.12 6.79
C ILE A 2489 27.40 12.68 6.34
N GLN A 2490 26.38 12.13 5.69
CA GLN A 2490 26.41 10.75 5.19
C GLN A 2490 26.32 10.80 3.66
N SER A 2491 27.39 10.39 2.99
CA SER A 2491 27.44 10.51 1.54
C SER A 2491 26.52 9.50 0.87
N CYS A 2492 26.00 9.88 -0.30
CA CYS A 2492 24.93 9.18 -0.99
C CYS A 2492 25.29 9.04 -2.46
N LEU A 2493 25.21 7.82 -2.99
CA LEU A 2493 25.39 7.58 -4.42
C LEU A 2493 24.13 6.89 -4.94
N THR A 2494 23.59 7.39 -6.04
CA THR A 2494 22.34 6.93 -6.60
C THR A 2494 22.55 6.66 -8.08
N VAL A 2495 22.32 5.42 -8.50
CA VAL A 2495 22.56 4.99 -9.87
C VAL A 2495 21.21 4.70 -10.49
N TRP A 2496 20.78 5.61 -11.37
CA TRP A 2496 19.53 5.47 -12.11
C TRP A 2496 19.80 4.90 -13.50
N ASP A 2497 18.74 4.37 -14.11
CA ASP A 2497 18.80 3.94 -15.51
C ASP A 2497 18.50 5.14 -16.39
N ILE A 2498 19.36 5.35 -17.41
CA ILE A 2498 19.22 6.53 -18.26
C ILE A 2498 17.93 6.54 -19.06
N ASN A 2499 17.19 5.43 -19.07
CA ASN A 2499 15.87 5.34 -19.67
C ASN A 2499 14.85 6.16 -18.87
N LEU A 2500 15.29 6.69 -17.72
CA LEU A 2500 14.41 7.39 -16.78
C LEU A 2500 13.48 8.41 -17.43
N PRO A 2501 13.94 9.30 -18.31
CA PRO A 2501 12.97 10.23 -18.93
C PRO A 2501 11.86 9.54 -19.70
N HIS A 2502 12.15 8.43 -20.36
CA HIS A 2502 11.15 7.78 -21.21
C HIS A 2502 10.23 6.87 -20.39
N GLU A 2503 10.81 5.97 -19.59
CA GLU A 2503 10.01 4.94 -18.94
C GLU A 2503 8.97 5.55 -18.01
N VAL A 2504 9.36 6.58 -17.25
CA VAL A 2504 8.42 7.21 -16.34
C VAL A 2504 7.30 7.90 -17.09
N GLN A 2505 7.54 8.31 -18.33
CA GLN A 2505 6.45 8.79 -19.17
C GLN A 2505 5.49 7.64 -19.50
N ASN A 2506 6.04 6.50 -19.90
CA ASN A 2506 5.21 5.36 -20.28
C ASN A 2506 4.24 4.99 -19.18
N LEU A 2507 4.76 4.81 -17.97
CA LEU A 2507 3.90 4.46 -16.83
C LEU A 2507 2.80 5.51 -16.65
N GLU A 2508 3.14 6.79 -16.83
CA GLU A 2508 2.14 7.84 -16.68
C GLU A 2508 0.99 7.64 -17.65
N LYS A 2509 1.29 7.21 -18.88
CA LYS A 2509 0.22 6.83 -19.80
C LYS A 2509 -0.34 5.47 -19.44
N HIS A 2510 0.52 4.54 -19.04
CA HIS A 2510 0.14 3.14 -18.83
C HIS A 2510 -1.00 3.05 -17.84
N ILE A 2511 -0.73 3.44 -16.60
CA ILE A 2511 -1.74 3.52 -15.54
C ILE A 2511 -2.99 4.14 -16.11
N GLU A 2512 -2.83 5.27 -16.81
CA GLU A 2512 -4.00 6.01 -17.28
C GLU A 2512 -4.88 5.14 -18.16
N VAL A 2513 -4.30 4.52 -19.19
CA VAL A 2513 -5.15 3.71 -20.06
C VAL A 2513 -5.71 2.52 -19.29
N ARG A 2514 -4.92 1.97 -18.37
CA ARG A 2514 -5.42 0.91 -17.51
C ARG A 2514 -6.60 1.41 -16.69
N LYS A 2515 -6.47 2.61 -16.12
CA LYS A 2515 -7.59 3.19 -15.39
C LYS A 2515 -8.80 3.34 -16.30
N GLU A 2516 -8.56 3.68 -17.57
CA GLU A 2516 -9.66 3.80 -18.52
C GLU A 2516 -10.47 2.52 -18.57
N LEU A 2517 -9.79 1.37 -18.54
CA LEU A 2517 -10.51 0.10 -18.56
C LEU A 2517 -11.46 0.00 -17.38
N ALA A 2518 -10.98 0.39 -16.19
CA ALA A 2518 -11.87 0.39 -15.03
C ALA A 2518 -13.04 1.33 -15.24
N GLU A 2519 -12.77 2.50 -15.85
CA GLU A 2519 -13.86 3.43 -16.13
C GLU A 2519 -14.88 2.83 -17.09
N LYS A 2520 -14.46 1.86 -17.90
CA LYS A 2520 -15.39 1.14 -18.76
C LYS A 2520 -15.99 -0.08 -18.09
N MET A 2521 -15.35 -0.59 -17.04
CA MET A 2521 -15.87 -1.76 -16.35
C MET A 2521 -16.82 -1.39 -15.21
N ARG A 2522 -16.64 -0.20 -14.63
CA ARG A 2522 -17.45 0.27 -13.51
C ARG A 2522 -17.38 -0.70 -12.33
N GLY B 49 7.83 38.04 -7.49
CA GLY B 49 7.64 37.93 -6.06
C GLY B 49 8.70 38.65 -5.25
N VAL B 50 9.22 39.73 -5.81
CA VAL B 50 10.22 40.56 -5.14
C VAL B 50 9.73 42.00 -5.13
N THR B 51 10.26 42.77 -4.19
CA THR B 51 9.96 44.17 -3.98
C THR B 51 11.16 45.02 -4.38
N PRO B 52 10.96 46.26 -4.87
CA PRO B 52 12.10 47.10 -5.26
C PRO B 52 13.22 47.19 -4.24
N LEU B 53 12.92 46.93 -2.95
CA LEU B 53 13.99 46.83 -1.97
C LEU B 53 14.89 45.63 -2.26
N HIS B 54 14.32 44.52 -2.73
CA HIS B 54 15.13 43.38 -3.15
C HIS B 54 16.14 43.81 -4.21
N LEU B 55 15.65 44.47 -5.27
CA LEU B 55 16.52 44.88 -6.37
C LEU B 55 17.54 45.92 -5.93
N ALA B 56 17.16 46.82 -5.02
CA ALA B 56 18.12 47.77 -4.48
C ALA B 56 19.23 47.06 -3.71
N ALA B 57 18.87 46.02 -2.95
CA ALA B 57 19.88 45.23 -2.26
C ALA B 57 20.79 44.51 -3.25
N ASP B 58 20.22 44.01 -4.36
CA ASP B 58 21.03 43.32 -5.37
C ASP B 58 22.02 44.27 -6.03
N SER B 59 21.54 45.43 -6.47
CA SER B 59 22.39 46.39 -7.18
C SER B 59 22.62 47.64 -6.34
N ASP B 74 9.00 46.79 2.58
CA ASP B 74 9.20 45.90 3.72
C ASP B 74 10.66 45.52 3.87
N VAL B 75 11.09 45.36 5.12
CA VAL B 75 12.47 45.01 5.39
C VAL B 75 12.67 43.51 5.51
N ASN B 76 11.63 42.77 5.92
CA ASN B 76 11.74 41.33 6.11
C ASN B 76 10.79 40.54 5.21
N ALA B 77 10.27 41.16 4.15
CA ALA B 77 9.50 40.42 3.17
C ALA B 77 10.42 39.50 2.38
N TRP B 78 9.96 38.27 2.14
CA TRP B 78 10.79 37.24 1.53
C TRP B 78 10.29 36.92 0.13
N ASP B 79 11.23 36.46 -0.71
CA ASP B 79 10.96 36.08 -2.07
C ASP B 79 10.94 34.54 -2.21
N HIS B 80 10.89 34.07 -3.46
CA HIS B 80 10.82 32.63 -3.72
C HIS B 80 11.93 31.87 -3.02
N TYR B 81 13.11 32.47 -2.94
CA TYR B 81 14.28 31.85 -2.33
C TYR B 81 14.40 32.16 -0.84
N GLY B 82 13.46 32.90 -0.27
CA GLY B 82 13.57 33.29 1.12
C GLY B 82 14.53 34.43 1.39
N PHE B 83 15.06 35.06 0.35
CA PHE B 83 16.05 36.13 0.51
C PHE B 83 15.34 37.44 0.73
N THR B 84 15.45 37.98 1.96
CA THR B 84 14.90 39.32 2.23
C THR B 84 15.94 40.32 1.73
N PRO B 85 15.61 41.61 1.50
CA PRO B 85 16.62 42.59 1.11
C PRO B 85 17.93 42.34 1.86
N LEU B 86 17.88 42.23 3.19
CA LEU B 86 19.10 42.01 4.00
C LEU B 86 19.95 40.89 3.39
N HIS B 87 19.36 39.71 3.21
CA HIS B 87 20.10 38.57 2.67
C HIS B 87 20.84 38.94 1.39
N LEU B 88 20.15 39.61 0.47
CA LEU B 88 20.78 39.98 -0.79
C LEU B 88 21.85 41.06 -0.60
N ALA B 89 21.64 41.97 0.35
CA ALA B 89 22.65 42.98 0.63
C ALA B 89 23.92 42.34 1.21
N ALA B 90 23.76 41.38 2.10
CA ALA B 90 24.92 40.66 2.65
C ALA B 90 25.48 39.65 1.67
N HIS B 91 24.75 39.33 0.60
CA HIS B 91 25.17 38.38 -0.42
C HIS B 91 25.99 39.05 -1.52
N VAL B 92 25.48 40.13 -2.10
CA VAL B 92 26.21 40.84 -3.14
C VAL B 92 27.50 41.43 -2.58
N GLY B 93 27.41 42.07 -1.41
CA GLY B 93 28.59 42.66 -0.79
C GLY B 93 28.47 44.15 -0.55
N HIS B 94 27.25 44.65 -0.47
CA HIS B 94 27.00 46.08 -0.22
C HIS B 94 26.96 46.31 1.28
N LEU B 95 28.11 46.62 1.87
CA LEU B 95 28.18 46.80 3.32
C LEU B 95 27.29 47.94 3.79
N GLU B 96 27.29 49.06 3.05
CA GLU B 96 26.49 50.20 3.46
C GLU B 96 25.00 49.86 3.49
N ILE B 97 24.55 49.05 2.53
CA ILE B 97 23.14 48.67 2.49
C ILE B 97 22.79 47.79 3.68
N VAL B 98 23.68 46.88 4.07
CA VAL B 98 23.44 46.07 5.26
C VAL B 98 23.34 46.96 6.50
N GLU B 99 24.28 47.91 6.64
CA GLU B 99 24.23 48.78 7.81
C GLU B 99 22.96 49.61 7.84
N VAL B 100 22.54 50.12 6.67
CA VAL B 100 21.29 50.87 6.58
C VAL B 100 20.11 50.00 6.98
N LEU B 101 20.09 48.75 6.51
CA LEU B 101 18.96 47.88 6.80
C LEU B 101 18.87 47.54 8.29
N LEU B 102 20.01 47.24 8.93
CA LEU B 102 19.98 46.98 10.37
C LEU B 102 19.57 48.23 11.15
N LYS B 103 20.10 49.39 10.75
CA LYS B 103 19.68 50.63 11.40
C LYS B 103 18.22 50.95 11.15
N ALA B 104 17.61 50.35 10.12
CA ALA B 104 16.20 50.53 9.82
C ALA B 104 15.29 49.52 10.51
N GLY B 105 15.85 48.54 11.23
CA GLY B 105 15.04 47.60 11.96
C GLY B 105 14.94 46.23 11.32
N ALA B 106 16.05 45.72 10.81
CA ALA B 106 16.07 44.44 10.11
C ALA B 106 16.07 43.28 11.09
N ASP B 107 15.77 42.09 10.57
CA ASP B 107 15.75 40.86 11.36
C ASP B 107 17.04 40.11 11.13
N VAL B 108 18.06 40.42 11.93
CA VAL B 108 19.36 39.77 11.82
C VAL B 108 19.33 38.30 12.19
N ASN B 109 18.18 37.80 12.66
CA ASN B 109 18.01 36.39 12.96
C ASN B 109 17.08 35.69 11.98
N ALA B 110 16.80 36.32 10.84
CA ALA B 110 15.91 35.74 9.85
C ALA B 110 16.60 34.59 9.12
N GLN B 111 15.79 33.76 8.47
CA GLN B 111 16.27 32.62 7.72
C GLN B 111 15.54 32.51 6.39
N ASP B 112 16.23 31.95 5.40
CA ASP B 112 15.67 31.74 4.07
C ASP B 112 15.06 30.34 4.00
N HIS B 113 14.75 29.89 2.78
CA HIS B 113 14.26 28.52 2.59
C HIS B 113 15.33 27.47 2.81
N ALA B 114 16.60 27.87 2.93
CA ALA B 114 17.69 26.94 3.24
C ALA B 114 18.27 27.18 4.63
N GLY B 115 17.60 27.98 5.45
CA GLY B 115 18.03 28.19 6.82
C GLY B 115 19.15 29.19 7.01
N TRP B 116 19.68 29.76 5.93
CA TRP B 116 20.78 30.70 6.05
C TRP B 116 20.32 32.02 6.65
N THR B 117 21.21 32.65 7.39
CA THR B 117 21.00 33.95 8.02
C THR B 117 21.75 35.03 7.26
N PRO B 118 21.46 36.31 7.53
CA PRO B 118 22.27 37.37 6.92
C PRO B 118 23.75 37.25 7.25
N LEU B 119 24.07 36.82 8.47
CA LEU B 119 25.46 36.55 8.83
C LEU B 119 26.02 35.41 8.00
N HIS B 120 25.18 34.41 7.69
CA HIS B 120 25.63 33.28 6.89
C HIS B 120 26.13 33.74 5.53
N LEU B 121 25.35 34.58 4.84
CA LEU B 121 25.78 35.07 3.54
C LEU B 121 26.88 36.10 3.67
N ALA B 122 26.93 36.83 4.78
CA ALA B 122 27.99 37.82 4.98
C ALA B 122 29.35 37.15 5.11
N ALA B 123 29.43 36.10 5.92
CA ALA B 123 30.68 35.37 6.10
C ALA B 123 30.89 34.28 5.05
N LEU B 124 29.89 34.03 4.21
CA LEU B 124 29.99 32.99 3.19
C LEU B 124 30.82 33.46 2.00
N TYR B 125 30.94 34.78 1.81
CA TYR B 125 31.71 35.34 0.71
C TYR B 125 32.92 36.15 1.16
N GLY B 126 33.21 36.17 2.46
CA GLY B 126 34.39 36.88 2.95
C GLY B 126 34.16 38.34 3.29
N HIS B 127 32.90 38.78 3.36
CA HIS B 127 32.59 40.17 3.72
C HIS B 127 32.54 40.27 5.23
N LEU B 128 33.72 40.35 5.84
CA LEU B 128 33.82 40.34 7.30
C LEU B 128 33.35 41.66 7.90
N GLU B 129 33.42 42.75 7.15
CA GLU B 129 32.90 44.03 7.64
C GLU B 129 31.40 43.93 7.89
N ILE B 130 30.67 43.30 6.95
CA ILE B 130 29.24 43.10 7.14
C ILE B 130 29.00 42.18 8.34
N VAL B 131 29.88 41.20 8.54
CA VAL B 131 29.76 40.32 9.70
C VAL B 131 29.86 41.12 10.99
N GLU B 132 30.84 42.03 11.05
CA GLU B 132 30.99 42.87 12.24
C GLU B 132 29.78 43.78 12.44
N VAL B 133 29.28 44.37 11.35
CA VAL B 133 28.14 45.27 11.44
C VAL B 133 26.91 44.52 11.94
N LEU B 134 26.72 43.28 11.46
CA LEU B 134 25.62 42.46 11.97
C LEU B 134 25.81 42.11 13.43
N LEU B 135 27.01 41.69 13.81
CA LEU B 135 27.27 41.28 15.19
C LEU B 135 27.03 42.43 16.17
N LYS B 136 27.47 43.63 15.81
CA LYS B 136 27.26 44.78 16.67
C LYS B 136 25.79 45.17 16.79
N HIS B 137 24.91 44.60 15.96
CA HIS B 137 23.50 44.96 15.92
C HIS B 137 22.62 43.78 16.33
N GLY B 138 23.00 43.07 17.39
CA GLY B 138 22.16 42.07 18.00
C GLY B 138 22.06 40.75 17.27
N ALA B 139 22.95 40.48 16.32
CA ALA B 139 22.89 39.23 15.58
C ALA B 139 23.39 38.06 16.41
N ASP B 140 22.95 36.86 16.05
CA ASP B 140 23.39 35.64 16.70
C ASP B 140 24.48 34.98 15.85
N VAL B 141 25.65 34.77 16.46
CA VAL B 141 26.79 34.21 15.71
C VAL B 141 26.81 32.69 15.72
N ASN B 142 25.94 32.04 16.50
CA ASN B 142 25.91 30.60 16.58
C ASN B 142 24.63 29.99 16.01
N ALA B 143 23.84 30.77 15.28
CA ALA B 143 22.63 30.24 14.66
C ALA B 143 22.99 29.23 13.57
N GLN B 144 22.08 28.30 13.32
CA GLN B 144 22.31 27.21 12.38
C GLN B 144 21.40 27.32 11.17
N ASP B 145 21.85 26.73 10.07
CA ASP B 145 21.11 26.68 8.83
C ASP B 145 20.38 25.34 8.71
N MET B 146 19.84 25.05 7.52
CA MET B 146 19.17 23.77 7.29
C MET B 146 20.13 22.60 7.50
N TRP B 147 21.39 22.78 7.14
CA TRP B 147 22.40 21.74 7.31
C TRP B 147 23.11 21.82 8.66
N GLY B 148 22.70 22.75 9.52
CA GLY B 148 23.27 22.88 10.85
C GLY B 148 24.51 23.73 10.96
N GLU B 149 25.04 24.22 9.84
CA GLU B 149 26.23 25.04 9.88
C GLU B 149 25.91 26.44 10.40
N THR B 150 26.92 27.09 10.94
CA THR B 150 26.82 28.42 11.54
C THR B 150 27.65 29.40 10.71
N PRO B 151 27.39 30.71 10.84
CA PRO B 151 28.24 31.68 10.13
C PRO B 151 29.71 31.57 10.50
N PHE B 152 30.01 31.07 11.69
CA PHE B 152 31.39 30.76 12.05
C PHE B 152 31.95 29.64 11.18
N ASP B 153 31.11 28.66 10.82
CA ASP B 153 31.56 27.55 10.00
C ASP B 153 31.93 28.00 8.60
N LEU B 154 31.12 28.87 8.01
CA LEU B 154 31.34 29.33 6.64
C LEU B 154 32.56 30.25 6.56
#